data_1SIO
#
_entry.id   1SIO
#
_cell.length_a   49.370
_cell.length_b   238.730
_cell.length_c   49.250
_cell.angle_alpha   90.00
_cell.angle_beta   113.70
_cell.angle_gamma   90.00
#
_symmetry.space_group_name_H-M   'P 1 21 1'
#
loop_
_entity.id
_entity.type
_entity.pdbx_description
1 polymer kumamolisin-As
2 polymer 'Ace-ILE-PRO-PHL peptide inhibitor'
3 non-polymer 'SULFATE ION'
4 non-polymer 'CALCIUM ION'
5 water water
#
loop_
_entity_poly.entity_id
_entity_poly.type
_entity_poly.pdbx_seq_one_letter_code
_entity_poly.pdbx_strand_id
1 'polypeptide(L)'
;AAPTAYTPLDVAQAYQFPEGLDGQGQCIAIIELGGGYDEASLAQYFASLGVPAPQVVSVSVDGASNQPTGDPSGPDGEVE
LDIEVAGALAPGAKFAVYFAPNTDAGFLDAITTAIHDPTLKPSVVSISWGGPEDSWTSAAIAAMNRAFLDAAALGVTVLA
AAGDSGSTDGEQDGLYHVDFPAASPYVLACGGTRLVASGGRIAQETVWNDGPDGGATGGGVSRIFPLPAWQEHANVPPSA
NPGASSGRGVPDLAGNADPATGYEVVIDGEATVIGGTSAVAPLFAALVARINQKLGKAVGYLNPTLYQLPADVFHDITEG
NNDIANRAQIYQAGPGWDPCTGLGSPIGVRLLQALLPSASQPQP
;
A,B,C
2 'polypeptide(L)' (ACE)IP(PHL) D,E,F
#
# COMPACT_ATOMS: atom_id res chain seq x y z
N ALA A 1 -16.65 -15.37 15.88
CA ALA A 1 -15.56 -15.45 16.84
C ALA A 1 -14.58 -14.29 16.67
N ALA A 2 -13.77 -14.38 15.60
CA ALA A 2 -12.84 -13.26 15.38
C ALA A 2 -13.58 -11.95 15.20
N PRO A 3 -13.03 -10.83 15.66
CA PRO A 3 -13.76 -9.56 15.49
C PRO A 3 -14.07 -9.25 14.02
N THR A 4 -15.26 -8.64 13.77
CA THR A 4 -15.64 -8.29 12.44
C THR A 4 -15.35 -6.84 12.13
N ALA A 5 -14.80 -6.11 13.11
CA ALA A 5 -14.50 -4.67 12.82
C ALA A 5 -13.51 -4.23 13.90
N TYR A 6 -12.77 -3.18 13.66
CA TYR A 6 -11.77 -2.55 14.53
C TYR A 6 -11.88 -1.04 14.50
N THR A 7 -11.42 -0.44 15.62
CA THR A 7 -11.21 1.01 15.46
C THR A 7 -9.77 1.15 14.96
N PRO A 8 -9.36 2.25 14.32
CA PRO A 8 -7.96 2.46 14.02
C PRO A 8 -7.04 2.27 15.22
N LEU A 9 -7.53 2.66 16.42
CA LEU A 9 -6.71 2.56 17.61
C LEU A 9 -6.44 1.09 17.90
N ASP A 10 -7.45 0.23 17.64
CA ASP A 10 -7.21 -1.19 17.79
C ASP A 10 -6.17 -1.75 16.82
N VAL A 11 -6.23 -1.30 15.55
CA VAL A 11 -5.28 -1.76 14.53
C VAL A 11 -3.87 -1.29 14.91
N ALA A 12 -3.76 -0.03 15.31
CA ALA A 12 -2.46 0.51 15.70
C ALA A 12 -1.85 -0.20 16.90
N GLN A 13 -2.71 -0.57 17.84
CA GLN A 13 -2.23 -1.31 19.03
C GLN A 13 -1.69 -2.66 18.60
N ALA A 14 -2.35 -3.38 17.70
CA ALA A 14 -1.82 -4.64 17.19
C ALA A 14 -0.47 -4.50 16.49
N TYR A 15 -0.23 -3.44 15.73
CA TYR A 15 0.99 -3.14 14.99
C TYR A 15 2.01 -2.36 15.83
N GLN A 16 1.78 -2.36 17.13
CA GLN A 16 2.63 -1.67 18.11
C GLN A 16 3.10 -0.31 17.63
N PHE A 17 2.13 0.54 17.33
CA PHE A 17 2.50 1.90 16.95
C PHE A 17 3.22 2.52 18.16
N PRO A 18 4.21 3.37 17.94
CA PRO A 18 4.95 3.92 19.10
C PRO A 18 4.05 4.91 19.85
N GLU A 19 3.97 4.66 21.14
CA GLU A 19 3.09 5.46 22.01
C GLU A 19 3.70 6.78 22.44
N GLY A 20 2.76 7.60 22.87
CA GLY A 20 2.91 8.96 23.31
C GLY A 20 3.37 9.86 22.17
N LEU A 21 3.17 9.39 20.93
CA LEU A 21 3.46 10.26 19.80
C LEU A 21 2.14 10.49 19.06
N ASP A 22 1.76 11.74 18.77
CA ASP A 22 0.50 11.97 18.09
C ASP A 22 0.63 12.75 16.77
N GLY A 23 1.85 12.96 16.29
CA GLY A 23 1.99 13.65 15.00
C GLY A 23 2.01 15.17 15.20
N GLN A 24 1.92 15.67 16.43
CA GLN A 24 2.06 17.10 16.67
C GLN A 24 3.29 17.68 15.97
N GLY A 25 3.19 18.79 15.25
CA GLY A 25 4.36 19.34 14.56
C GLY A 25 4.54 18.82 13.14
N GLN A 26 3.60 17.99 12.66
CA GLN A 26 3.66 17.44 11.32
C GLN A 26 2.39 17.75 10.57
N CYS A 27 2.44 17.76 9.27
CA CYS A 27 1.33 17.89 8.36
C CYS A 27 1.27 16.67 7.41
N ILE A 28 0.10 16.04 7.36
CA ILE A 28 -0.17 14.93 6.45
C ILE A 28 -1.10 15.42 5.34
N ALA A 29 -0.64 15.24 4.09
CA ALA A 29 -1.43 15.64 2.95
C ALA A 29 -2.19 14.40 2.46
N ILE A 30 -3.44 14.57 2.12
CA ILE A 30 -4.27 13.46 1.62
C ILE A 30 -4.79 13.89 0.26
N ILE A 31 -4.57 13.08 -0.78
CA ILE A 31 -5.06 13.51 -2.09
C ILE A 31 -6.44 12.96 -2.44
N GLU A 32 -7.36 13.75 -3.00
CA GLU A 32 -8.76 13.34 -3.24
C GLU A 32 -9.24 13.78 -4.63
N LEU A 33 -9.88 12.85 -5.36
CA LEU A 33 -10.28 13.11 -6.73
C LEU A 33 -11.82 13.16 -6.90
N GLY A 34 -12.57 13.26 -5.84
CA GLY A 34 -14.04 13.39 -5.91
C GLY A 34 -14.59 13.46 -4.51
N GLY A 35 -15.88 13.62 -4.34
CA GLY A 35 -16.57 13.69 -3.10
C GLY A 35 -15.99 14.70 -2.14
N GLY A 36 -16.19 14.44 -0.84
CA GLY A 36 -15.70 15.41 0.15
C GLY A 36 -15.98 14.88 1.56
N TYR A 37 -15.81 15.76 2.54
CA TYR A 37 -16.13 15.43 3.92
C TYR A 37 -17.08 16.48 4.48
N ASP A 38 -17.82 16.12 5.53
CA ASP A 38 -18.57 17.21 6.19
C ASP A 38 -18.13 17.25 7.65
N GLU A 39 -18.31 18.45 8.23
CA GLU A 39 -17.77 18.61 9.56
C GLU A 39 -18.59 17.72 10.49
N ALA A 40 -19.87 17.51 10.18
CA ALA A 40 -20.67 16.71 11.09
C ALA A 40 -20.15 15.28 11.18
N SER A 41 -19.85 14.61 10.09
CA SER A 41 -19.34 13.23 10.10
C SER A 41 -18.07 13.08 10.91
N LEU A 42 -17.13 13.97 10.63
CA LEU A 42 -15.85 13.87 11.35
C LEU A 42 -15.95 14.13 12.84
N ALA A 43 -16.69 15.21 13.20
CA ALA A 43 -16.85 15.53 14.65
C ALA A 43 -17.53 14.39 15.36
N GLN A 44 -18.57 13.81 14.72
CA GLN A 44 -19.16 12.65 15.42
C GLN A 44 -18.19 11.50 15.59
N TYR A 45 -17.46 11.20 14.50
CA TYR A 45 -16.44 10.18 14.47
C TYR A 45 -15.44 10.38 15.62
N PHE A 46 -14.78 11.52 15.63
CA PHE A 46 -13.73 11.72 16.63
C PHE A 46 -14.28 11.81 18.06
N ALA A 47 -15.49 12.33 18.22
CA ALA A 47 -16.13 12.35 19.55
C ALA A 47 -16.40 10.95 20.06
N SER A 48 -17.01 10.06 19.25
CA SER A 48 -17.33 8.70 19.57
C SER A 48 -16.06 7.85 19.80
N LEU A 49 -15.07 8.13 18.96
CA LEU A 49 -13.77 7.53 19.11
C LEU A 49 -13.17 7.99 20.44
N GLY A 50 -13.30 9.28 20.76
CA GLY A 50 -12.67 9.67 22.03
C GLY A 50 -11.30 10.29 21.84
N VAL A 51 -11.04 10.91 20.69
CA VAL A 51 -9.78 11.61 20.43
C VAL A 51 -10.06 13.04 19.99
N PRO A 52 -9.19 13.98 20.34
CA PRO A 52 -9.36 15.37 19.99
C PRO A 52 -9.38 15.48 18.46
N ALA A 53 -10.41 16.13 17.92
CA ALA A 53 -10.55 16.24 16.48
C ALA A 53 -9.36 16.97 15.90
N PRO A 54 -8.64 16.45 14.91
CA PRO A 54 -7.51 17.20 14.41
C PRO A 54 -7.92 18.35 13.51
N GLN A 55 -6.98 19.29 13.34
CA GLN A 55 -7.22 20.34 12.34
C GLN A 55 -7.15 19.82 10.91
N VAL A 56 -8.25 20.00 10.16
CA VAL A 56 -8.31 19.58 8.77
C VAL A 56 -8.58 20.79 7.90
N VAL A 57 -7.82 20.95 6.84
CA VAL A 57 -7.95 22.02 5.86
C VAL A 57 -8.08 21.45 4.45
N SER A 58 -9.13 21.96 3.80
CA SER A 58 -9.39 21.67 2.39
C SER A 58 -8.62 22.63 1.48
N VAL A 59 -8.11 22.09 0.37
CA VAL A 59 -7.36 22.90 -0.57
C VAL A 59 -7.97 22.61 -1.95
N SER A 60 -8.35 23.64 -2.69
CA SER A 60 -8.85 23.52 -4.04
C SER A 60 -7.78 23.45 -5.11
N VAL A 61 -7.75 22.35 -5.87
CA VAL A 61 -6.77 22.23 -6.96
C VAL A 61 -7.49 22.18 -8.28
N ASP A 62 -7.04 22.96 -9.26
CA ASP A 62 -7.64 22.99 -10.59
C ASP A 62 -9.15 23.20 -10.53
N GLY A 63 -9.63 24.05 -9.64
CA GLY A 63 -11.07 24.27 -9.53
C GLY A 63 -11.95 23.29 -8.84
N ALA A 64 -11.51 22.18 -8.22
CA ALA A 64 -12.37 21.26 -7.50
C ALA A 64 -12.37 21.67 -6.05
N SER A 65 -13.37 21.17 -5.31
CA SER A 65 -13.43 21.53 -3.91
C SER A 65 -13.96 20.40 -3.04
N ASN A 66 -14.05 20.64 -1.74
CA ASN A 66 -14.62 19.74 -0.78
C ASN A 66 -16.13 19.67 -0.96
N GLN A 67 -16.66 18.64 -1.61
CA GLN A 67 -18.09 18.52 -1.85
C GLN A 67 -18.67 17.14 -1.63
N PRO A 68 -19.18 16.85 -0.45
CA PRO A 68 -19.75 15.52 -0.24
C PRO A 68 -20.87 15.24 -1.24
N THR A 69 -20.97 14.01 -1.71
CA THR A 69 -22.11 13.73 -2.57
C THR A 69 -23.19 13.04 -1.75
N GLY A 70 -22.95 12.68 -0.49
CA GLY A 70 -23.93 12.04 0.35
C GLY A 70 -24.09 10.55 0.20
N ASP A 71 -23.48 9.97 -0.84
CA ASP A 71 -23.61 8.52 -0.95
C ASP A 71 -22.43 7.83 -0.30
N PRO A 72 -22.66 7.11 0.78
CA PRO A 72 -21.54 6.48 1.47
C PRO A 72 -20.85 5.44 0.59
N SER A 73 -21.48 4.99 -0.48
CA SER A 73 -20.83 4.07 -1.43
C SER A 73 -19.97 4.82 -2.42
N GLY A 74 -20.00 6.16 -2.39
CA GLY A 74 -19.28 6.95 -3.38
C GLY A 74 -17.93 7.39 -2.79
N PRO A 75 -17.40 8.43 -3.38
CA PRO A 75 -16.09 9.02 -3.03
C PRO A 75 -16.10 9.55 -1.60
N ASP A 76 -17.25 9.85 -0.97
CA ASP A 76 -17.17 10.32 0.40
C ASP A 76 -16.65 9.20 1.33
N GLY A 77 -16.97 7.97 0.94
CA GLY A 77 -16.47 6.83 1.75
C GLY A 77 -14.93 6.87 1.65
N GLU A 78 -14.37 7.38 0.55
CA GLU A 78 -12.90 7.42 0.49
C GLU A 78 -12.37 8.62 1.26
N VAL A 79 -12.93 9.80 1.00
CA VAL A 79 -12.39 11.03 1.66
C VAL A 79 -12.47 10.87 3.18
N GLU A 80 -13.61 10.46 3.74
CA GLU A 80 -13.83 10.39 5.18
C GLU A 80 -13.09 9.22 5.79
N LEU A 81 -12.97 8.11 5.07
CA LEU A 81 -12.13 7.02 5.57
C LEU A 81 -10.70 7.55 5.75
N ASP A 82 -10.23 8.30 4.78
CA ASP A 82 -8.80 8.67 4.78
C ASP A 82 -8.53 9.57 5.99
N ILE A 83 -9.43 10.53 6.15
CA ILE A 83 -9.27 11.47 7.27
C ILE A 83 -9.49 10.78 8.60
N GLU A 84 -10.54 9.98 8.73
CA GLU A 84 -10.81 9.35 10.01
C GLU A 84 -9.73 8.35 10.44
N VAL A 85 -9.17 7.51 9.60
CA VAL A 85 -8.13 6.57 9.96
C VAL A 85 -6.85 7.31 10.30
N ALA A 86 -6.38 8.19 9.42
CA ALA A 86 -5.12 8.87 9.69
C ALA A 86 -5.27 9.84 10.86
N GLY A 87 -6.39 10.59 10.93
CA GLY A 87 -6.60 11.56 12.01
C GLY A 87 -6.77 10.84 13.33
N ALA A 88 -7.32 9.62 13.34
CA ALA A 88 -7.42 8.98 14.65
C ALA A 88 -6.08 8.61 15.28
N LEU A 89 -5.11 8.36 14.40
CA LEU A 89 -3.81 7.86 14.81
C LEU A 89 -2.70 8.90 14.86
N ALA A 90 -2.87 10.02 14.17
CA ALA A 90 -1.93 11.16 14.30
C ALA A 90 -2.82 12.38 14.58
N PRO A 91 -3.61 12.37 15.62
CA PRO A 91 -4.56 13.48 15.78
C PRO A 91 -3.86 14.78 16.13
N GLY A 92 -2.56 14.74 16.42
CA GLY A 92 -1.91 16.04 16.65
C GLY A 92 -1.42 16.64 15.37
N ALA A 93 -1.46 15.86 14.27
CA ALA A 93 -0.95 16.38 13.01
C ALA A 93 -1.94 17.34 12.40
N LYS A 94 -1.51 18.25 11.53
CA LYS A 94 -2.46 19.02 10.72
C LYS A 94 -2.74 18.21 9.44
N PHE A 95 -3.98 18.11 8.98
CA PHE A 95 -4.31 17.38 7.75
C PHE A 95 -4.66 18.38 6.66
N ALA A 96 -4.00 18.27 5.53
CA ALA A 96 -4.20 19.08 4.34
C ALA A 96 -4.87 18.23 3.26
N VAL A 97 -6.12 18.48 2.89
CA VAL A 97 -6.85 17.60 1.95
C VAL A 97 -6.97 18.32 0.60
N TYR A 98 -6.29 17.83 -0.41
CA TYR A 98 -6.23 18.44 -1.74
C TYR A 98 -7.25 17.74 -2.64
N PHE A 99 -8.23 18.52 -3.05
CA PHE A 99 -9.31 18.12 -3.93
C PHE A 99 -9.01 18.62 -5.33
N ALA A 100 -9.02 17.71 -6.28
CA ALA A 100 -8.73 17.94 -7.66
C ALA A 100 -9.69 17.19 -8.57
N PRO A 101 -9.82 17.64 -9.80
CA PRO A 101 -10.62 16.92 -10.79
C PRO A 101 -10.05 15.53 -10.99
N ASN A 102 -10.91 14.58 -11.21
CA ASN A 102 -10.48 13.21 -11.48
C ASN A 102 -10.03 13.09 -12.94
N THR A 103 -8.90 13.68 -13.21
CA THR A 103 -8.21 13.67 -14.48
C THR A 103 -6.71 13.49 -14.28
N ASP A 104 -5.99 13.02 -15.31
CA ASP A 104 -4.53 12.94 -15.20
C ASP A 104 -3.97 14.26 -14.69
N ALA A 105 -4.51 15.36 -15.22
CA ALA A 105 -4.05 16.68 -14.82
C ALA A 105 -4.32 16.98 -13.35
N GLY A 106 -5.56 16.76 -12.96
CA GLY A 106 -5.96 17.01 -11.57
C GLY A 106 -5.17 16.10 -10.61
N PHE A 107 -4.93 14.84 -10.95
CA PHE A 107 -4.22 13.94 -10.00
C PHE A 107 -2.80 14.44 -9.80
N LEU A 108 -2.15 14.69 -10.94
CA LEU A 108 -0.76 15.17 -10.89
C LEU A 108 -0.63 16.50 -10.15
N ASP A 109 -1.57 17.39 -10.45
CA ASP A 109 -1.45 18.74 -9.91
C ASP A 109 -1.70 18.75 -8.41
N ALA A 110 -2.61 17.84 -8.04
CA ALA A 110 -2.92 17.82 -6.61
C ALA A 110 -1.65 17.37 -5.91
N ILE A 111 -0.99 16.37 -6.45
CA ILE A 111 0.26 15.89 -5.82
C ILE A 111 1.36 16.94 -5.80
N THR A 112 1.68 17.55 -6.94
CA THR A 112 2.76 18.55 -7.00
C THR A 112 2.37 19.72 -6.11
N THR A 113 1.07 20.09 -6.08
CA THR A 113 0.68 21.18 -5.15
C THR A 113 1.01 20.83 -3.71
N ALA A 114 0.71 19.61 -3.32
CA ALA A 114 0.96 19.20 -1.91
C ALA A 114 2.41 19.22 -1.51
N ILE A 115 3.23 18.55 -2.33
CA ILE A 115 4.64 18.38 -2.10
C ILE A 115 5.34 19.70 -1.90
N HIS A 116 4.95 20.67 -2.73
CA HIS A 116 5.53 21.99 -2.67
C HIS A 116 4.78 22.98 -1.83
N ASP A 117 3.73 22.58 -1.12
CA ASP A 117 2.91 23.58 -0.44
C ASP A 117 3.73 24.37 0.56
N PRO A 118 3.99 25.64 0.34
CA PRO A 118 4.82 26.48 1.23
C PRO A 118 4.14 26.89 2.52
N THR A 119 2.80 26.83 2.54
CA THR A 119 2.03 27.16 3.72
C THR A 119 1.74 25.98 4.64
N LEU A 120 1.27 24.87 4.07
CA LEU A 120 1.01 23.68 4.94
C LEU A 120 2.17 22.72 5.09
N LYS A 121 3.11 22.75 4.16
CA LYS A 121 4.36 21.99 4.18
C LYS A 121 4.24 20.55 4.64
N PRO A 122 3.46 19.71 3.97
CA PRO A 122 3.34 18.32 4.43
C PRO A 122 4.64 17.55 4.27
N SER A 123 4.92 16.72 5.27
CA SER A 123 6.02 15.83 5.22
C SER A 123 5.63 14.45 4.71
N VAL A 124 4.34 14.21 4.53
CA VAL A 124 3.78 12.92 4.15
C VAL A 124 2.61 13.15 3.18
N VAL A 125 2.54 12.28 2.19
CA VAL A 125 1.43 12.33 1.27
C VAL A 125 0.80 10.92 1.22
N SER A 126 -0.52 10.91 1.44
CA SER A 126 -1.30 9.69 1.46
C SER A 126 -2.19 9.62 0.22
N ILE A 127 -2.10 8.58 -0.57
CA ILE A 127 -2.95 8.43 -1.75
C ILE A 127 -3.71 7.12 -1.73
N SER A 128 -5.00 7.19 -1.98
CA SER A 128 -5.80 6.00 -2.04
C SER A 128 -6.57 5.93 -3.36
N TRP A 129 -6.10 6.55 -4.42
CA TRP A 129 -6.66 6.48 -5.77
C TRP A 129 -5.70 5.88 -6.80
N GLY A 130 -6.18 5.23 -7.87
CA GLY A 130 -5.16 4.69 -8.81
C GLY A 130 -5.82 4.01 -10.03
N GLY A 131 -5.02 3.29 -10.79
CA GLY A 131 -5.45 2.50 -11.93
C GLY A 131 -4.34 1.56 -12.39
N PRO A 132 -4.71 0.46 -13.04
CA PRO A 132 -3.70 -0.49 -13.54
C PRO A 132 -2.65 0.24 -14.37
N GLU A 133 -1.41 -0.25 -14.25
CA GLU A 133 -0.31 0.32 -15.01
C GLU A 133 -0.62 0.60 -16.47
N ASP A 134 -1.16 -0.39 -17.20
CA ASP A 134 -1.26 -0.03 -18.63
C ASP A 134 -2.46 0.85 -18.91
N SER A 135 -3.20 1.29 -17.90
CA SER A 135 -4.40 2.10 -18.17
C SER A 135 -4.01 3.57 -18.26
N TRP A 136 -2.75 3.83 -17.90
CA TRP A 136 -2.17 5.15 -17.89
C TRP A 136 -1.40 5.43 -19.18
N THR A 137 -1.46 6.65 -19.70
CA THR A 137 -0.58 6.96 -20.82
C THR A 137 0.85 6.99 -20.30
N SER A 138 1.78 6.70 -21.21
CA SER A 138 3.20 6.71 -20.80
C SER A 138 3.62 8.10 -20.36
N ALA A 139 3.02 9.16 -20.90
CA ALA A 139 3.42 10.50 -20.50
C ALA A 139 2.84 10.90 -19.14
N ALA A 140 1.63 10.39 -18.87
CA ALA A 140 1.04 10.70 -17.58
C ALA A 140 1.88 10.02 -16.49
N ILE A 141 2.31 8.82 -16.86
CA ILE A 141 3.08 7.97 -15.95
C ILE A 141 4.40 8.65 -15.65
N ALA A 142 4.94 9.26 -16.71
CA ALA A 142 6.23 9.94 -16.55
C ALA A 142 6.12 11.20 -15.72
N ALA A 143 5.11 12.02 -15.91
CA ALA A 143 4.94 13.24 -15.12
C ALA A 143 4.80 12.86 -13.65
N MET A 144 3.93 11.85 -13.47
CA MET A 144 3.68 11.45 -12.08
C MET A 144 4.94 10.94 -11.43
N ASN A 145 5.65 10.04 -12.12
CA ASN A 145 6.86 9.47 -11.49
C ASN A 145 7.90 10.54 -11.18
N ARG A 146 7.96 11.58 -12.00
CA ARG A 146 8.91 12.67 -11.74
C ARG A 146 8.46 13.49 -10.54
N ALA A 147 7.18 13.57 -10.28
CA ALA A 147 6.68 14.28 -9.09
C ALA A 147 7.10 13.49 -7.86
N PHE A 148 7.03 12.15 -7.98
CA PHE A 148 7.41 11.29 -6.83
C PHE A 148 8.92 11.38 -6.57
N LEU A 149 9.64 11.37 -7.68
CA LEU A 149 11.07 11.63 -7.58
C LEU A 149 11.32 12.96 -6.86
N ASP A 150 10.63 14.02 -7.24
CA ASP A 150 10.78 15.33 -6.59
C ASP A 150 10.50 15.27 -5.10
N ALA A 151 9.42 14.54 -4.80
CA ALA A 151 9.02 14.36 -3.40
C ALA A 151 10.16 13.80 -2.58
N ALA A 152 10.83 12.80 -3.13
CA ALA A 152 11.95 12.16 -2.41
C ALA A 152 13.05 13.15 -2.10
N ALA A 153 13.42 13.99 -3.09
CA ALA A 153 14.48 14.97 -2.83
C ALA A 153 14.03 16.03 -1.83
N LEU A 154 12.70 16.28 -1.76
CA LEU A 154 12.23 17.26 -0.78
C LEU A 154 12.04 16.69 0.62
N GLY A 155 12.18 15.39 0.88
CA GLY A 155 11.98 14.85 2.21
C GLY A 155 10.51 14.61 2.55
N VAL A 156 9.67 14.26 1.61
CA VAL A 156 8.25 14.01 1.74
C VAL A 156 8.00 12.53 1.41
N THR A 157 7.48 11.78 2.33
CA THR A 157 7.09 10.40 2.09
C THR A 157 5.78 10.33 1.31
N VAL A 158 5.71 9.52 0.25
CA VAL A 158 4.46 9.33 -0.51
C VAL A 158 3.98 7.88 -0.34
N LEU A 159 2.75 7.68 0.13
CA LEU A 159 2.25 6.33 0.36
C LEU A 159 1.08 6.08 -0.57
N ALA A 160 0.89 4.87 -1.09
CA ALA A 160 -0.32 4.68 -1.91
C ALA A 160 -0.84 3.26 -1.87
N ALA A 161 -2.19 3.21 -1.75
CA ALA A 161 -2.87 1.94 -1.76
C ALA A 161 -2.53 1.18 -3.06
N ALA A 162 -2.31 -0.10 -2.90
CA ALA A 162 -1.95 -0.96 -4.03
C ALA A 162 -3.16 -1.43 -4.81
N GLY A 163 -4.42 -1.22 -4.39
CA GLY A 163 -5.53 -1.69 -5.20
C GLY A 163 -6.45 -2.70 -4.49
N ASP A 164 -7.72 -2.86 -4.89
CA ASP A 164 -8.65 -3.73 -4.18
C ASP A 164 -9.17 -4.87 -5.10
N SER A 165 -8.46 -5.09 -6.19
CA SER A 165 -8.96 -6.13 -7.14
C SER A 165 -7.91 -7.17 -7.45
N GLY A 166 -7.14 -7.59 -6.44
CA GLY A 166 -6.17 -8.62 -6.62
C GLY A 166 -5.07 -8.38 -7.61
N SER A 167 -4.46 -9.48 -8.02
CA SER A 167 -3.32 -9.49 -8.94
C SER A 167 -3.70 -9.17 -10.37
N THR A 168 -5.03 -9.15 -10.69
CA THR A 168 -5.33 -8.73 -12.08
C THR A 168 -5.75 -7.30 -12.18
N ASP A 169 -5.98 -6.66 -11.00
CA ASP A 169 -6.24 -5.25 -10.82
C ASP A 169 -7.43 -4.77 -11.66
N GLY A 170 -8.44 -5.62 -11.84
CA GLY A 170 -9.67 -5.23 -12.49
C GLY A 170 -9.67 -5.26 -14.01
N GLU A 171 -8.63 -5.87 -14.57
CA GLU A 171 -8.46 -6.07 -16.00
C GLU A 171 -8.53 -7.56 -16.29
N GLN A 172 -9.37 -7.91 -17.26
CA GLN A 172 -9.47 -9.30 -17.72
C GLN A 172 -8.87 -9.46 -19.11
N ASP A 173 -7.56 -9.63 -19.22
CA ASP A 173 -6.95 -9.71 -20.55
C ASP A 173 -5.94 -10.83 -20.64
N GLY A 174 -6.10 -11.79 -19.72
CA GLY A 174 -5.20 -12.91 -19.68
C GLY A 174 -3.89 -12.52 -19.01
N LEU A 175 -3.79 -11.27 -18.53
CA LEU A 175 -2.56 -10.80 -17.91
C LEU A 175 -2.74 -10.31 -16.48
N TYR A 176 -1.75 -10.45 -15.61
CA TYR A 176 -1.69 -9.88 -14.26
C TYR A 176 -1.24 -8.43 -14.34
N HIS A 177 -1.65 -7.52 -13.45
CA HIS A 177 -1.39 -6.11 -13.57
C HIS A 177 -1.16 -5.50 -12.18
N VAL A 178 -0.19 -4.60 -12.02
CA VAL A 178 -0.09 -3.85 -10.75
C VAL A 178 -0.66 -2.48 -10.95
N ASP A 179 -1.04 -1.80 -9.87
CA ASP A 179 -1.61 -0.49 -9.90
C ASP A 179 -0.54 0.62 -9.79
N PHE A 180 -0.77 1.71 -10.46
CA PHE A 180 -0.03 2.95 -10.36
C PHE A 180 -0.88 4.04 -9.71
N PRO A 181 -0.41 4.87 -8.79
CA PRO A 181 0.98 5.08 -8.47
C PRO A 181 1.67 4.10 -7.52
N ALA A 182 1.02 3.07 -6.99
CA ALA A 182 1.74 2.20 -6.09
C ALA A 182 2.98 1.60 -6.79
N ALA A 183 2.92 1.41 -8.10
CA ALA A 183 4.09 0.74 -8.73
C ALA A 183 5.33 1.59 -8.82
N SER A 184 5.14 2.91 -8.66
CA SER A 184 6.32 3.79 -8.75
C SER A 184 7.35 3.34 -7.72
N PRO A 185 8.63 3.26 -8.04
CA PRO A 185 9.68 2.90 -7.07
C PRO A 185 9.84 3.97 -5.96
N TYR A 186 9.38 5.17 -6.19
CA TYR A 186 9.42 6.29 -5.26
C TYR A 186 8.24 6.38 -4.31
N VAL A 187 7.28 5.47 -4.44
CA VAL A 187 6.07 5.42 -3.62
C VAL A 187 6.11 4.21 -2.68
N LEU A 188 5.58 4.40 -1.48
CA LEU A 188 5.53 3.27 -0.56
C LEU A 188 4.20 2.60 -0.86
N ALA A 189 4.26 1.50 -1.56
CA ALA A 189 3.02 0.81 -1.89
C ALA A 189 2.47 0.01 -0.74
N CYS A 190 1.14 0.20 -0.51
CA CYS A 190 0.45 -0.34 0.61
C CYS A 190 -0.56 -1.45 0.25
N GLY A 191 -0.23 -2.66 0.64
CA GLY A 191 -1.11 -3.79 0.42
C GLY A 191 -2.01 -4.13 1.60
N GLY A 192 -2.80 -5.19 1.38
CA GLY A 192 -3.92 -5.45 2.28
C GLY A 192 -3.91 -6.83 2.89
N THR A 193 -4.22 -6.87 4.20
CA THR A 193 -4.31 -8.10 4.96
C THR A 193 -5.68 -8.24 5.64
N ARG A 194 -5.97 -9.43 6.15
CA ARG A 194 -7.12 -9.62 7.02
C ARG A 194 -6.48 -9.71 8.39
N LEU A 195 -6.81 -8.84 9.36
CA LEU A 195 -6.09 -8.95 10.62
C LEU A 195 -6.90 -9.61 11.70
N VAL A 196 -6.37 -10.48 12.55
CA VAL A 196 -7.18 -10.97 13.69
C VAL A 196 -6.39 -10.59 14.94
N ALA A 197 -6.88 -9.64 15.71
CA ALA A 197 -6.13 -9.06 16.82
C ALA A 197 -6.78 -9.51 18.13
N SER A 198 -5.92 -9.92 19.06
CA SER A 198 -6.40 -10.47 20.32
C SER A 198 -5.57 -9.95 21.48
N GLY A 199 -6.19 -9.41 22.53
CA GLY A 199 -5.36 -8.88 23.62
C GLY A 199 -4.35 -7.85 23.14
N GLY A 200 -4.60 -7.06 22.08
CA GLY A 200 -3.59 -6.05 21.70
C GLY A 200 -2.48 -6.59 20.82
N ARG A 201 -2.57 -7.84 20.39
CA ARG A 201 -1.48 -8.40 19.61
C ARG A 201 -2.06 -9.19 18.45
N ILE A 202 -1.17 -9.52 17.52
CA ILE A 202 -1.69 -10.21 16.34
C ILE A 202 -1.88 -11.70 16.56
N ALA A 203 -3.12 -12.15 16.45
CA ALA A 203 -3.40 -13.58 16.57
C ALA A 203 -3.24 -14.20 15.19
N GLN A 204 -3.64 -13.56 14.10
CA GLN A 204 -3.36 -14.02 12.76
C GLN A 204 -3.42 -12.84 11.75
N GLU A 205 -2.65 -12.99 10.69
CA GLU A 205 -2.71 -11.90 9.70
C GLU A 205 -2.41 -12.56 8.36
N THR A 206 -3.40 -12.51 7.47
CA THR A 206 -3.22 -13.26 6.23
C THR A 206 -3.54 -12.38 5.04
N VAL A 207 -3.28 -12.79 3.82
CA VAL A 207 -3.55 -11.93 2.69
C VAL A 207 -5.03 -11.55 2.61
N TRP A 208 -5.36 -10.29 2.27
CA TRP A 208 -6.75 -9.95 2.04
C TRP A 208 -7.21 -10.56 0.72
N ASN A 209 -8.16 -11.50 0.79
CA ASN A 209 -8.73 -12.06 -0.43
C ASN A 209 -10.14 -12.59 -0.11
N ASP A 210 -11.17 -11.84 -0.53
CA ASP A 210 -12.54 -12.31 -0.27
C ASP A 210 -13.22 -12.74 -1.56
N GLY A 211 -12.37 -13.12 -2.50
CA GLY A 211 -12.89 -13.60 -3.75
C GLY A 211 -13.20 -12.46 -4.68
N PRO A 212 -13.60 -12.95 -5.87
CA PRO A 212 -13.86 -11.99 -6.95
C PRO A 212 -14.98 -11.04 -6.61
N ASP A 213 -15.88 -11.47 -5.70
CA ASP A 213 -16.99 -10.63 -5.34
C ASP A 213 -16.73 -9.79 -4.10
N GLY A 214 -15.65 -10.01 -3.33
CA GLY A 214 -15.51 -9.16 -2.13
C GLY A 214 -14.13 -8.48 -2.13
N GLY A 215 -13.35 -8.68 -3.17
CA GLY A 215 -12.08 -7.91 -3.26
C GLY A 215 -10.89 -8.64 -2.71
N ALA A 216 -9.69 -8.19 -3.15
CA ALA A 216 -8.42 -8.76 -2.79
C ALA A 216 -7.27 -7.75 -2.86
N THR A 217 -6.25 -7.80 -2.03
CA THR A 217 -5.23 -6.75 -2.23
C THR A 217 -4.48 -6.76 -3.55
N GLY A 218 -4.19 -5.55 -4.11
CA GLY A 218 -3.33 -5.57 -5.28
C GLY A 218 -1.94 -6.04 -4.91
N GLY A 219 -1.16 -6.50 -5.92
CA GLY A 219 0.19 -6.90 -5.56
C GLY A 219 0.73 -7.61 -6.81
N GLY A 220 2.02 -7.65 -7.00
CA GLY A 220 2.56 -8.27 -8.23
C GLY A 220 3.92 -7.67 -8.62
N VAL A 221 4.18 -7.70 -9.93
CA VAL A 221 5.46 -7.27 -10.49
C VAL A 221 5.22 -6.21 -11.55
N SER A 222 5.88 -5.06 -11.41
CA SER A 222 5.71 -3.99 -12.37
C SER A 222 6.13 -4.35 -13.80
N ARG A 223 5.43 -3.89 -14.84
CA ARG A 223 5.88 -4.13 -16.21
C ARG A 223 6.54 -2.88 -16.78
N ILE A 224 6.33 -1.77 -16.08
CA ILE A 224 6.85 -0.47 -16.44
C ILE A 224 8.18 -0.15 -15.75
N PHE A 225 8.28 -0.50 -14.47
CA PHE A 225 9.47 -0.12 -13.70
C PHE A 225 10.39 -1.30 -13.47
N PRO A 226 11.69 -1.18 -13.73
CA PRO A 226 12.56 -2.33 -13.41
C PRO A 226 12.68 -2.55 -11.92
N LEU A 227 13.31 -3.67 -11.58
CA LEU A 227 13.53 -4.00 -10.17
C LEU A 227 14.54 -3.02 -9.61
N PRO A 228 14.17 -2.29 -8.58
CA PRO A 228 15.12 -1.38 -7.96
C PRO A 228 16.22 -2.12 -7.22
N ALA A 229 17.42 -1.52 -7.16
CA ALA A 229 18.49 -2.23 -6.48
C ALA A 229 18.17 -2.47 -5.02
N TRP A 230 17.39 -1.58 -4.37
CA TRP A 230 17.07 -1.92 -2.98
C TRP A 230 16.13 -3.12 -2.86
N GLN A 231 15.60 -3.65 -3.97
CA GLN A 231 14.82 -4.87 -3.86
C GLN A 231 15.62 -6.11 -4.23
N GLU A 232 16.93 -5.92 -4.47
CA GLU A 232 17.72 -7.05 -4.96
C GLU A 232 17.80 -8.14 -3.94
N HIS A 233 17.67 -7.86 -2.65
CA HIS A 233 17.73 -9.01 -1.73
C HIS A 233 16.35 -9.47 -1.26
N ALA A 234 15.28 -9.05 -1.89
CA ALA A 234 13.93 -9.39 -1.41
C ALA A 234 13.36 -10.62 -2.09
N ASN A 235 14.06 -11.25 -3.05
CA ASN A 235 13.52 -12.42 -3.75
C ASN A 235 12.20 -12.08 -4.46
N VAL A 236 12.19 -10.91 -5.09
CA VAL A 236 11.03 -10.58 -5.91
C VAL A 236 10.97 -11.61 -7.02
N PRO A 237 9.84 -12.22 -7.37
CA PRO A 237 9.86 -13.13 -8.52
C PRO A 237 9.67 -12.35 -9.81
N PRO A 238 9.83 -13.01 -10.94
CA PRO A 238 9.52 -12.38 -12.22
C PRO A 238 7.99 -12.28 -12.35
N SER A 239 7.48 -11.40 -13.21
CA SER A 239 6.06 -11.36 -13.46
C SER A 239 5.57 -12.76 -13.84
N ALA A 240 4.33 -13.07 -13.49
CA ALA A 240 3.78 -14.34 -13.90
C ALA A 240 3.33 -14.29 -15.36
N ASN A 241 3.44 -13.16 -16.03
CA ASN A 241 3.05 -12.97 -17.43
C ASN A 241 4.15 -13.62 -18.31
N PRO A 242 3.67 -14.15 -19.43
CA PRO A 242 4.44 -14.94 -20.42
C PRO A 242 5.90 -14.59 -20.57
N GLY A 243 6.38 -13.37 -20.71
CA GLY A 243 7.86 -13.33 -20.85
C GLY A 243 8.62 -13.36 -19.54
N ALA A 244 7.93 -13.58 -18.43
CA ALA A 244 8.59 -13.70 -17.13
C ALA A 244 9.49 -12.52 -16.79
N SER A 245 9.09 -11.31 -17.13
CA SER A 245 9.97 -10.15 -16.99
C SER A 245 10.16 -9.62 -15.58
N SER A 246 11.39 -9.28 -15.25
CA SER A 246 11.87 -8.65 -14.05
C SER A 246 11.18 -7.32 -13.76
N GLY A 247 10.85 -6.96 -12.51
CA GLY A 247 10.21 -5.65 -12.37
C GLY A 247 10.09 -5.30 -10.90
N ARG A 248 9.77 -4.03 -10.65
CA ARG A 248 9.55 -3.51 -9.30
C ARG A 248 8.45 -4.37 -8.63
N GLY A 249 8.74 -5.00 -7.50
CA GLY A 249 7.79 -5.77 -6.74
C GLY A 249 6.82 -4.95 -5.88
N VAL A 250 5.53 -5.26 -6.02
CA VAL A 250 4.50 -4.51 -5.25
C VAL A 250 3.75 -5.44 -4.35
N PRO A 251 3.39 -5.08 -3.11
CA PRO A 251 3.66 -3.78 -2.52
C PRO A 251 4.90 -3.77 -1.65
N ASP A 252 5.13 -2.76 -0.81
CA ASP A 252 6.28 -2.72 0.08
C ASP A 252 5.93 -3.12 1.50
N LEU A 253 4.74 -2.71 1.96
CA LEU A 253 4.18 -3.03 3.24
C LEU A 253 2.70 -3.38 3.10
N ALA A 254 2.10 -3.97 4.13
CA ALA A 254 0.66 -4.24 4.07
C ALA A 254 0.03 -4.17 5.46
N GLY A 255 -1.26 -3.85 5.49
CA GLY A 255 -1.92 -3.83 6.79
C GLY A 255 -3.41 -4.09 6.62
N ASN A 256 -4.10 -4.16 7.75
CA ASN A 256 -5.51 -4.53 7.73
C ASN A 256 -6.33 -3.76 6.68
N ALA A 257 -6.97 -4.50 5.77
CA ALA A 257 -7.75 -3.93 4.67
C ALA A 257 -9.07 -4.66 4.40
N ASP A 258 -9.15 -5.86 4.95
CA ASP A 258 -10.29 -6.72 4.66
C ASP A 258 -11.55 -6.10 5.22
N PRO A 259 -12.55 -5.75 4.40
CA PRO A 259 -13.82 -5.26 5.01
C PRO A 259 -14.36 -6.17 6.08
N ALA A 260 -14.10 -7.45 5.98
CA ALA A 260 -14.63 -8.43 6.94
C ALA A 260 -14.00 -8.26 8.32
N THR A 261 -12.86 -7.60 8.45
CA THR A 261 -12.20 -7.21 9.68
C THR A 261 -11.86 -5.72 9.65
N GLY A 262 -12.79 -4.93 9.19
CA GLY A 262 -12.82 -3.61 8.68
C GLY A 262 -12.75 -2.50 9.72
N TYR A 263 -12.72 -1.28 9.18
CA TYR A 263 -12.68 -0.17 10.13
C TYR A 263 -14.03 0.42 10.48
N GLU A 264 -14.22 0.69 11.80
CA GLU A 264 -15.49 1.36 12.16
C GLU A 264 -15.32 2.85 11.90
N VAL A 265 -16.10 3.34 10.96
CA VAL A 265 -16.03 4.77 10.61
C VAL A 265 -17.43 5.36 10.52
N VAL A 266 -17.49 6.68 10.27
CA VAL A 266 -18.72 7.44 10.13
C VAL A 266 -18.61 8.12 8.76
N ILE A 267 -19.45 7.65 7.83
CA ILE A 267 -19.46 8.18 6.48
C ILE A 267 -20.81 8.82 6.20
N ASP A 268 -20.90 10.04 5.73
CA ASP A 268 -22.18 10.71 5.47
C ASP A 268 -23.08 10.59 6.68
N GLY A 269 -22.48 10.82 7.85
CA GLY A 269 -23.23 10.87 9.10
C GLY A 269 -23.72 9.56 9.65
N GLU A 270 -23.31 8.44 9.05
CA GLU A 270 -23.82 7.18 9.61
C GLU A 270 -22.69 6.19 9.87
N ALA A 271 -22.84 5.44 10.96
CA ALA A 271 -21.78 4.47 11.20
C ALA A 271 -21.77 3.35 10.17
N THR A 272 -20.57 2.80 9.93
CA THR A 272 -20.45 1.69 8.99
C THR A 272 -19.09 1.04 9.19
N VAL A 273 -18.77 -0.04 8.49
CA VAL A 273 -17.48 -0.67 8.56
C VAL A 273 -16.95 -0.91 7.14
N ILE A 274 -15.87 -0.27 6.76
CA ILE A 274 -15.29 -0.47 5.45
C ILE A 274 -13.77 -0.71 5.54
N GLY A 275 -13.26 -1.16 4.39
CA GLY A 275 -11.83 -1.44 4.30
C GLY A 275 -11.22 -1.11 2.98
N GLY A 276 -10.41 -2.04 2.45
CA GLY A 276 -9.81 -1.62 1.16
C GLY A 276 -8.38 -1.25 1.51
N THR A 277 -7.48 -1.45 0.58
CA THR A 277 -6.12 -0.91 0.76
C THR A 277 -6.16 0.62 0.89
N SER A 278 -7.24 1.29 0.47
CA SER A 278 -7.50 2.70 0.70
C SER A 278 -7.33 3.10 2.16
N ALA A 279 -7.56 2.14 3.07
CA ALA A 279 -7.39 2.49 4.48
C ALA A 279 -5.94 2.38 4.90
N VAL A 280 -5.08 1.70 4.14
CA VAL A 280 -3.78 1.36 4.68
C VAL A 280 -2.80 2.47 4.41
N ALA A 281 -2.88 3.21 3.32
CA ALA A 281 -1.96 4.33 3.18
C ALA A 281 -2.24 5.39 4.23
N PRO A 282 -3.46 5.75 4.59
CA PRO A 282 -3.68 6.62 5.74
C PRO A 282 -3.13 6.08 7.05
N LEU A 283 -3.33 4.78 7.22
CA LEU A 283 -2.91 4.11 8.46
C LEU A 283 -1.41 4.34 8.67
N PHE A 284 -0.65 4.04 7.61
CA PHE A 284 0.81 4.15 7.73
C PHE A 284 1.31 5.56 7.60
N ALA A 285 0.47 6.38 6.95
CA ALA A 285 0.86 7.79 6.94
C ALA A 285 0.96 8.34 8.37
N ALA A 286 0.02 7.95 9.19
CA ALA A 286 -0.09 8.33 10.60
C ALA A 286 1.16 7.82 11.29
N LEU A 287 1.54 6.57 10.97
CA LEU A 287 2.72 5.94 11.53
C LEU A 287 3.96 6.74 11.19
N VAL A 288 4.03 7.15 9.90
CA VAL A 288 5.23 7.90 9.57
C VAL A 288 5.27 9.24 10.27
N ALA A 289 4.10 9.88 10.43
CA ALA A 289 4.09 11.21 11.09
C ALA A 289 4.58 11.11 12.53
N ARG A 290 4.14 10.04 13.20
CA ARG A 290 4.66 9.79 14.55
C ARG A 290 6.17 9.63 14.60
N ILE A 291 6.66 8.90 13.57
CA ILE A 291 8.14 8.71 13.53
C ILE A 291 8.83 10.03 13.26
N ASN A 292 8.30 10.85 12.37
CA ASN A 292 8.88 12.15 12.06
C ASN A 292 8.94 13.00 13.33
N GLN A 293 7.87 12.93 14.12
CA GLN A 293 7.77 13.66 15.39
C GLN A 293 8.89 13.27 16.37
N LYS A 294 9.10 11.94 16.45
CA LYS A 294 10.16 11.49 17.36
C LYS A 294 11.55 11.76 16.82
N LEU A 295 11.81 11.53 15.53
CA LEU A 295 13.20 11.69 15.03
C LEU A 295 13.59 13.15 14.87
N GLY A 296 12.62 14.02 14.65
CA GLY A 296 12.76 15.46 14.54
C GLY A 296 13.33 15.80 13.17
N LYS A 297 13.11 14.90 12.21
CA LYS A 297 13.54 15.04 10.83
C LYS A 297 12.67 14.09 9.99
N ALA A 298 12.13 14.60 8.89
CA ALA A 298 11.25 13.85 8.01
C ALA A 298 11.95 12.61 7.50
N VAL A 299 11.35 11.40 7.53
CA VAL A 299 12.08 10.23 6.96
C VAL A 299 12.08 10.39 5.46
N GLY A 300 11.17 11.19 4.91
CA GLY A 300 11.22 11.30 3.43
C GLY A 300 11.03 9.98 2.73
N TYR A 301 11.91 9.75 1.74
CA TYR A 301 11.82 8.55 0.90
C TYR A 301 12.27 7.36 1.75
N LEU A 302 11.37 6.47 2.15
CA LEU A 302 11.68 5.37 3.09
C LEU A 302 11.92 4.00 2.52
N ASN A 303 11.54 3.72 1.30
CA ASN A 303 11.51 2.40 0.72
C ASN A 303 12.90 1.77 0.83
N PRO A 304 13.92 2.40 0.29
CA PRO A 304 15.23 1.70 0.27
C PRO A 304 15.56 1.24 1.67
N THR A 305 15.31 2.07 2.69
CA THR A 305 15.73 1.70 4.04
C THR A 305 15.03 0.50 4.61
N LEU A 306 13.74 0.46 4.30
CA LEU A 306 12.94 -0.65 4.83
C LEU A 306 13.52 -2.01 4.52
N TYR A 307 13.99 -2.10 3.28
CA TYR A 307 14.46 -3.39 2.76
C TYR A 307 15.83 -3.79 3.29
N GLN A 308 16.50 -2.83 3.95
CA GLN A 308 17.78 -3.22 4.52
C GLN A 308 17.70 -3.27 6.03
N LEU A 309 16.53 -2.97 6.58
CA LEU A 309 16.40 -3.10 8.02
C LEU A 309 16.34 -4.55 8.44
N PRO A 310 16.59 -4.87 9.70
CA PRO A 310 16.44 -6.28 10.12
C PRO A 310 15.03 -6.80 9.86
N ALA A 311 14.92 -8.04 9.39
CA ALA A 311 13.60 -8.58 9.04
C ALA A 311 12.64 -8.58 10.21
N ASP A 312 13.16 -8.60 11.44
CA ASP A 312 12.22 -8.70 12.57
C ASP A 312 11.57 -7.38 12.95
N VAL A 313 11.78 -6.37 12.12
CA VAL A 313 11.06 -5.10 12.27
C VAL A 313 9.64 -5.23 11.72
N PHE A 314 9.40 -6.32 10.97
CA PHE A 314 8.13 -6.54 10.28
C PHE A 314 7.50 -7.85 10.74
N HIS A 315 6.17 -7.80 10.76
CA HIS A 315 5.36 -8.98 10.94
C HIS A 315 5.11 -9.63 9.56
N ASP A 316 5.69 -10.79 9.36
CA ASP A 316 5.71 -11.48 8.08
C ASP A 316 4.36 -12.13 7.85
N ILE A 317 3.72 -11.82 6.72
CA ILE A 317 2.50 -12.53 6.37
C ILE A 317 2.94 -13.69 5.43
N THR A 318 2.47 -14.91 5.79
CA THR A 318 2.99 -16.02 4.98
C THR A 318 1.88 -16.84 4.33
N GLU A 319 0.65 -16.54 4.69
CA GLU A 319 -0.46 -17.40 4.22
C GLU A 319 -1.47 -16.58 3.45
N GLY A 320 -1.89 -17.14 2.29
CA GLY A 320 -2.92 -16.52 1.46
C GLY A 320 -2.40 -16.17 0.09
N ASN A 321 -3.28 -15.74 -0.81
CA ASN A 321 -2.92 -15.30 -2.14
C ASN A 321 -3.86 -14.17 -2.57
N ASN A 322 -3.45 -13.44 -3.63
CA ASN A 322 -4.32 -12.31 -4.00
C ASN A 322 -4.88 -12.50 -5.38
N ASP A 323 -5.07 -13.78 -5.71
CA ASP A 323 -5.69 -14.13 -6.98
C ASP A 323 -7.21 -14.16 -6.94
N ILE A 324 -7.85 -13.31 -7.75
CA ILE A 324 -9.33 -13.37 -7.78
C ILE A 324 -9.77 -13.65 -9.22
N ALA A 325 -8.78 -13.84 -10.10
CA ALA A 325 -9.11 -14.10 -11.49
C ALA A 325 -9.18 -15.58 -11.81
N ASN A 326 -8.64 -16.43 -10.95
CA ASN A 326 -8.56 -17.85 -11.25
C ASN A 326 -8.12 -18.54 -9.95
N ARG A 327 -7.91 -19.83 -9.97
CA ARG A 327 -7.48 -20.55 -8.76
C ARG A 327 -6.03 -20.97 -8.82
N ALA A 328 -5.23 -20.28 -9.66
CA ALA A 328 -3.80 -20.65 -9.69
C ALA A 328 -2.94 -19.99 -8.60
N GLN A 329 -3.51 -19.14 -7.77
CA GLN A 329 -2.79 -18.60 -6.60
C GLN A 329 -1.62 -17.72 -6.94
N ILE A 330 -1.83 -16.92 -7.99
CA ILE A 330 -0.89 -15.90 -8.40
C ILE A 330 -1.46 -14.54 -7.99
N TYR A 331 -0.80 -13.81 -7.08
CA TYR A 331 0.39 -14.26 -6.42
C TYR A 331 0.13 -14.75 -5.01
N GLN A 332 1.14 -15.47 -4.48
CA GLN A 332 0.98 -16.03 -3.14
C GLN A 332 1.93 -15.51 -2.08
N ALA A 333 1.42 -15.42 -0.87
CA ALA A 333 2.30 -15.00 0.22
C ALA A 333 3.26 -16.10 0.65
N GLY A 334 4.37 -15.74 1.30
CA GLY A 334 5.32 -16.72 1.78
C GLY A 334 6.36 -16.06 2.68
N PRO A 335 7.37 -16.79 3.13
CA PRO A 335 8.39 -16.23 4.02
C PRO A 335 9.07 -15.01 3.42
N GLY A 336 9.32 -13.99 4.28
CA GLY A 336 9.94 -12.78 3.75
C GLY A 336 9.08 -11.94 2.84
N TRP A 337 9.73 -11.16 1.96
CA TRP A 337 8.96 -10.35 1.00
C TRP A 337 8.12 -11.20 0.04
N ASP A 338 6.85 -10.83 -0.17
CA ASP A 338 6.06 -11.49 -1.23
C ASP A 338 5.25 -10.48 -2.03
N PRO A 339 4.69 -10.83 -3.18
CA PRO A 339 3.95 -9.87 -4.02
C PRO A 339 2.49 -9.69 -3.57
N CYS A 340 2.15 -10.05 -2.33
CA CYS A 340 0.81 -9.79 -1.82
C CYS A 340 0.84 -8.75 -0.68
N THR A 341 1.90 -8.86 0.12
CA THR A 341 1.99 -8.09 1.36
C THR A 341 3.37 -7.46 1.55
N GLY A 342 4.27 -7.53 0.59
CA GLY A 342 5.61 -6.92 0.77
C GLY A 342 6.34 -7.53 1.92
N LEU A 343 7.06 -6.67 2.65
CA LEU A 343 7.76 -7.05 3.86
C LEU A 343 6.81 -7.42 4.98
N GLY A 344 5.50 -7.10 4.86
CA GLY A 344 4.65 -7.51 6.00
C GLY A 344 4.05 -6.27 6.65
N SER A 345 3.46 -6.39 7.82
CA SER A 345 2.93 -5.27 8.58
C SER A 345 4.07 -4.68 9.42
N PRO A 346 4.28 -3.38 9.45
CA PRO A 346 5.40 -2.85 10.24
C PRO A 346 5.14 -3.04 11.72
N ILE A 347 6.21 -3.24 12.51
CA ILE A 347 6.01 -3.29 13.98
C ILE A 347 6.52 -1.92 14.39
N GLY A 348 5.62 -1.01 14.69
CA GLY A 348 5.90 0.43 14.81
C GLY A 348 7.06 0.65 15.78
N VAL A 349 7.07 -0.02 16.94
CA VAL A 349 8.15 0.43 17.85
C VAL A 349 9.51 0.00 17.37
N ARG A 350 9.54 -1.15 16.69
CA ARG A 350 10.82 -1.64 16.17
C ARG A 350 11.30 -0.83 14.97
N LEU A 351 10.31 -0.44 14.17
CA LEU A 351 10.68 0.36 12.99
C LEU A 351 11.34 1.65 13.44
N LEU A 352 10.69 2.34 14.37
CA LEU A 352 11.22 3.58 14.91
C LEU A 352 12.59 3.43 15.53
N GLN A 353 12.72 2.42 16.40
CA GLN A 353 14.00 2.14 16.99
C GLN A 353 15.13 1.96 15.96
N ALA A 354 14.88 1.23 14.87
CA ALA A 354 15.86 0.96 13.83
C ALA A 354 16.20 2.22 13.08
N LEU A 355 15.31 3.23 13.20
CA LEU A 355 15.61 4.49 12.51
C LEU A 355 16.28 5.54 13.40
N LEU A 356 16.33 5.32 14.72
CA LEU A 356 16.87 6.29 15.65
C LEU A 356 18.34 6.61 15.34
N PRO A 357 18.79 7.74 15.91
N ALA B 2 -34.24 -5.21 29.62
CA ALA B 2 -35.52 -4.52 29.71
C ALA B 2 -36.10 -4.22 28.33
N PRO B 3 -37.41 -4.42 28.15
CA PRO B 3 -38.01 -4.25 26.83
C PRO B 3 -37.78 -2.87 26.23
N THR B 4 -37.19 -2.89 25.04
CA THR B 4 -37.04 -1.63 24.32
C THR B 4 -37.73 -1.83 22.97
N ALA B 5 -37.64 -0.77 22.17
CA ALA B 5 -38.18 -0.82 20.83
C ALA B 5 -37.37 0.12 19.93
N TYR B 6 -37.46 -0.16 18.64
CA TYR B 6 -36.82 0.57 17.58
C TYR B 6 -37.81 0.94 16.51
N THR B 7 -37.56 2.01 15.73
CA THR B 7 -38.31 2.21 14.54
C THR B 7 -37.77 1.26 13.46
N PRO B 8 -38.52 0.96 12.43
CA PRO B 8 -37.92 0.18 11.34
C PRO B 8 -36.70 0.90 10.79
N LEU B 9 -36.69 2.24 10.87
CA LEU B 9 -35.51 2.95 10.36
C LEU B 9 -34.27 2.64 11.19
N ASP B 10 -34.42 2.50 12.50
CA ASP B 10 -33.32 2.17 13.38
C ASP B 10 -32.73 0.81 13.01
N VAL B 11 -33.68 -0.09 12.75
CA VAL B 11 -33.30 -1.47 12.41
C VAL B 11 -32.60 -1.55 11.06
N ALA B 12 -33.13 -0.88 10.03
CA ALA B 12 -32.45 -0.82 8.75
C ALA B 12 -31.05 -0.20 8.84
N GLN B 13 -30.83 0.86 9.62
CA GLN B 13 -29.47 1.43 9.69
C GLN B 13 -28.51 0.43 10.29
N ALA B 14 -28.96 -0.24 11.38
CA ALA B 14 -28.13 -1.28 11.97
C ALA B 14 -27.75 -2.29 10.89
N TYR B 15 -28.75 -2.65 10.07
CA TYR B 15 -28.49 -3.63 9.03
C TYR B 15 -27.90 -2.96 7.78
N GLN B 16 -27.45 -1.71 7.87
CA GLN B 16 -26.74 -1.13 6.73
C GLN B 16 -27.49 -1.19 5.46
N PHE B 17 -28.79 -0.88 5.46
CA PHE B 17 -29.61 -0.86 4.24
C PHE B 17 -29.02 0.12 3.25
N PRO B 18 -28.94 -0.08 1.94
CA PRO B 18 -28.24 0.90 1.09
C PRO B 18 -28.94 2.25 1.05
N GLU B 19 -28.12 3.29 1.24
CA GLU B 19 -28.64 4.65 1.22
C GLU B 19 -29.07 5.10 -0.18
N GLY B 20 -30.00 6.04 -0.15
CA GLY B 20 -30.51 6.76 -1.29
C GLY B 20 -31.34 5.96 -2.24
N LEU B 21 -31.85 4.81 -1.81
CA LEU B 21 -32.78 3.94 -2.53
C LEU B 21 -34.03 3.68 -1.66
N ASP B 22 -35.19 3.81 -2.25
CA ASP B 22 -36.47 3.70 -1.59
C ASP B 22 -37.41 2.76 -2.31
N GLY B 23 -36.95 1.97 -3.28
CA GLY B 23 -37.90 1.04 -3.86
C GLY B 23 -38.68 1.54 -5.06
N GLN B 24 -38.43 2.80 -5.40
CA GLN B 24 -39.22 3.36 -6.49
C GLN B 24 -39.14 2.50 -7.75
N GLY B 25 -40.31 2.34 -8.38
CA GLY B 25 -40.40 1.56 -9.59
C GLY B 25 -40.57 0.08 -9.29
N GLN B 26 -40.64 -0.25 -8.00
CA GLN B 26 -40.88 -1.63 -7.62
C GLN B 26 -42.28 -1.81 -7.01
N CYS B 27 -42.82 -3.02 -7.11
CA CYS B 27 -44.10 -3.32 -6.45
C CYS B 27 -43.87 -4.51 -5.51
N ILE B 28 -44.20 -4.28 -4.24
CA ILE B 28 -44.15 -5.33 -3.23
C ILE B 28 -45.52 -5.91 -2.86
N ALA B 29 -45.71 -7.20 -3.11
CA ALA B 29 -46.94 -7.92 -2.82
C ALA B 29 -46.88 -8.39 -1.34
N ILE B 30 -47.96 -8.36 -0.59
CA ILE B 30 -48.02 -8.80 0.80
C ILE B 30 -49.23 -9.73 1.00
N ILE B 31 -49.11 -10.96 1.45
CA ILE B 31 -50.23 -11.91 1.52
C ILE B 31 -50.95 -11.81 2.83
N GLU B 32 -52.30 -11.80 2.85
CA GLU B 32 -53.02 -11.62 4.11
C GLU B 32 -54.19 -12.61 4.12
N LEU B 33 -54.39 -13.31 5.23
CA LEU B 33 -55.39 -14.36 5.37
C LEU B 33 -56.51 -13.87 6.30
N GLY B 34 -56.51 -12.58 6.59
CA GLY B 34 -57.52 -12.16 7.59
C GLY B 34 -57.28 -10.75 8.00
N GLY B 35 -58.25 -10.13 8.72
CA GLY B 35 -58.11 -8.77 9.16
C GLY B 35 -57.96 -7.78 8.04
N GLY B 36 -57.24 -6.69 8.34
CA GLY B 36 -57.13 -5.67 7.28
C GLY B 36 -56.44 -4.44 7.77
N TYR B 37 -56.48 -3.34 7.01
CA TYR B 37 -55.81 -2.15 7.51
C TYR B 37 -56.72 -0.92 7.35
N ASP B 38 -56.51 0.11 8.16
CA ASP B 38 -57.35 1.32 7.98
C ASP B 38 -56.45 2.47 7.53
N GLU B 39 -56.95 3.33 6.64
CA GLU B 39 -56.05 4.37 6.16
C GLU B 39 -55.57 5.31 7.25
N ALA B 40 -56.33 5.57 8.31
CA ALA B 40 -55.87 6.50 9.35
C ALA B 40 -54.69 5.94 10.11
N SER B 41 -54.64 4.63 10.36
CA SER B 41 -53.49 4.10 11.07
C SER B 41 -52.22 4.32 10.23
N LEU B 42 -52.28 4.02 8.93
CA LEU B 42 -51.05 4.16 8.14
C LEU B 42 -50.56 5.60 8.09
N ALA B 43 -51.48 6.56 7.98
CA ALA B 43 -51.16 7.97 7.82
C ALA B 43 -50.47 8.50 9.04
N GLN B 44 -50.99 8.09 10.20
CA GLN B 44 -50.37 8.50 11.44
C GLN B 44 -49.00 7.84 11.60
N TYR B 45 -48.87 6.61 11.08
CA TYR B 45 -47.54 6.01 11.31
C TYR B 45 -46.48 6.65 10.46
N PHE B 46 -46.73 6.70 9.14
CA PHE B 46 -45.64 7.21 8.32
C PHE B 46 -45.34 8.67 8.60
N ALA B 47 -46.36 9.37 9.09
CA ALA B 47 -46.14 10.80 9.38
C ALA B 47 -45.22 10.92 10.58
N SER B 48 -45.45 10.02 11.53
CA SER B 48 -44.57 9.99 12.68
C SER B 48 -43.10 9.78 12.31
N LEU B 49 -42.81 9.03 11.27
CA LEU B 49 -41.49 8.69 10.83
C LEU B 49 -40.89 9.72 9.90
N GLY B 50 -41.70 10.65 9.39
CA GLY B 50 -41.11 11.62 8.47
C GLY B 50 -40.88 10.97 7.11
N VAL B 51 -41.65 9.91 6.82
CA VAL B 51 -41.46 9.34 5.50
C VAL B 51 -42.77 9.49 4.73
N PRO B 52 -42.60 9.83 3.45
CA PRO B 52 -43.73 10.01 2.55
C PRO B 52 -44.52 8.70 2.45
N ALA B 53 -45.78 8.66 2.85
CA ALA B 53 -46.47 7.37 2.80
C ALA B 53 -46.49 6.82 1.39
N PRO B 54 -46.24 5.51 1.32
CA PRO B 54 -46.29 4.89 -0.01
C PRO B 54 -47.72 4.67 -0.47
N GLN B 55 -47.86 4.50 -1.78
CA GLN B 55 -49.13 4.05 -2.33
C GLN B 55 -49.41 2.60 -1.91
N VAL B 56 -50.61 2.29 -1.40
CA VAL B 56 -50.94 0.91 -1.01
C VAL B 56 -52.22 0.48 -1.71
N VAL B 57 -52.30 -0.68 -2.34
CA VAL B 57 -53.62 -0.99 -2.90
C VAL B 57 -54.10 -2.36 -2.45
N SER B 58 -55.38 -2.55 -2.12
CA SER B 58 -55.76 -3.92 -1.72
C SER B 58 -56.26 -4.67 -2.95
N VAL B 59 -56.18 -5.99 -2.93
CA VAL B 59 -56.62 -6.93 -3.94
C VAL B 59 -57.42 -8.06 -3.30
N SER B 60 -58.62 -8.21 -3.88
CA SER B 60 -59.57 -9.19 -3.40
C SER B 60 -59.32 -10.54 -4.03
N VAL B 61 -59.12 -11.53 -3.16
CA VAL B 61 -58.88 -12.86 -3.70
C VAL B 61 -59.92 -13.83 -3.11
N ASP B 62 -60.52 -14.65 -3.98
CA ASP B 62 -61.56 -15.59 -3.55
C ASP B 62 -62.61 -14.93 -2.68
N GLY B 63 -63.09 -13.74 -2.95
CA GLY B 63 -64.13 -13.12 -2.15
C GLY B 63 -63.69 -12.30 -0.97
N ALA B 64 -62.51 -12.59 -0.40
CA ALA B 64 -61.96 -11.85 0.72
C ALA B 64 -61.64 -10.41 0.33
N SER B 65 -61.66 -9.57 1.36
CA SER B 65 -61.35 -8.16 1.21
C SER B 65 -60.60 -7.58 2.42
N ASN B 66 -60.21 -6.32 2.31
CA ASN B 66 -59.57 -5.56 3.39
C ASN B 66 -60.62 -5.37 4.45
N GLN B 67 -60.60 -6.16 5.52
CA GLN B 67 -61.66 -6.22 6.53
C GLN B 67 -61.12 -6.11 7.94
N PRO B 68 -60.82 -4.88 8.33
CA PRO B 68 -60.21 -4.67 9.64
C PRO B 68 -61.17 -5.06 10.77
N THR B 69 -60.66 -5.65 11.84
CA THR B 69 -61.55 -5.99 12.94
C THR B 69 -61.52 -4.86 13.98
N GLY B 70 -60.67 -3.89 13.79
CA GLY B 70 -60.52 -2.80 14.74
C GLY B 70 -59.82 -3.17 16.03
N ASP B 71 -59.37 -4.42 16.18
CA ASP B 71 -58.72 -4.88 17.41
C ASP B 71 -57.20 -4.95 17.22
N PRO B 72 -56.45 -4.10 17.91
CA PRO B 72 -55.01 -3.98 17.71
C PRO B 72 -54.27 -5.30 17.96
N SER B 73 -54.88 -6.20 18.69
CA SER B 73 -54.47 -7.54 19.04
C SER B 73 -54.90 -8.62 18.07
N GLY B 74 -55.75 -8.36 17.08
CA GLY B 74 -56.08 -9.48 16.19
C GLY B 74 -55.25 -9.43 14.90
N PRO B 75 -55.83 -9.95 13.82
CA PRO B 75 -55.13 -10.03 12.53
C PRO B 75 -54.76 -8.65 12.00
N ASP B 76 -55.37 -7.55 12.39
CA ASP B 76 -54.99 -6.23 11.90
C ASP B 76 -53.53 -5.92 12.28
N GLY B 77 -53.08 -6.56 13.35
CA GLY B 77 -51.72 -6.43 13.82
C GLY B 77 -50.74 -7.02 12.81
N GLU B 78 -51.09 -8.12 12.19
CA GLU B 78 -50.24 -8.69 11.15
C GLU B 78 -50.27 -7.82 9.89
N VAL B 79 -51.48 -7.48 9.49
CA VAL B 79 -51.64 -6.71 8.25
C VAL B 79 -50.89 -5.40 8.31
N GLU B 80 -51.15 -4.61 9.36
CA GLU B 80 -50.51 -3.32 9.48
C GLU B 80 -49.04 -3.42 9.83
N LEU B 81 -48.60 -4.42 10.59
CA LEU B 81 -47.15 -4.50 10.79
C LEU B 81 -46.40 -4.64 9.49
N ASP B 82 -46.97 -5.52 8.65
CA ASP B 82 -46.36 -5.87 7.38
C ASP B 82 -46.18 -4.63 6.51
N ILE B 83 -47.21 -3.84 6.36
CA ILE B 83 -47.22 -2.63 5.52
C ILE B 83 -46.35 -1.51 6.09
N GLU B 84 -46.39 -1.29 7.40
CA GLU B 84 -45.60 -0.22 8.03
C GLU B 84 -44.11 -0.49 7.97
N VAL B 85 -43.70 -1.71 8.24
CA VAL B 85 -42.32 -2.08 8.29
C VAL B 85 -41.74 -2.09 6.88
N ALA B 86 -42.41 -2.80 5.97
CA ALA B 86 -41.90 -2.72 4.60
C ALA B 86 -42.09 -1.32 4.03
N GLY B 87 -43.20 -0.66 4.28
CA GLY B 87 -43.51 0.65 3.68
C GLY B 87 -42.61 1.73 4.23
N ALA B 88 -42.17 1.62 5.49
CA ALA B 88 -41.28 2.65 6.01
C ALA B 88 -39.88 2.59 5.41
N LEU B 89 -39.55 1.36 4.96
CA LEU B 89 -38.17 1.14 4.48
C LEU B 89 -38.06 1.13 2.97
N ALA B 90 -39.21 0.89 2.30
CA ALA B 90 -39.17 1.03 0.85
C ALA B 90 -40.34 1.94 0.46
N PRO B 91 -40.31 3.18 0.94
CA PRO B 91 -41.47 4.05 0.77
C PRO B 91 -41.73 4.43 -0.68
N GLY B 92 -40.79 4.18 -1.58
CA GLY B 92 -40.98 4.55 -2.98
C GLY B 92 -41.70 3.49 -3.78
N ALA B 93 -41.70 2.26 -3.27
CA ALA B 93 -42.38 1.10 -3.78
C ALA B 93 -43.89 1.23 -3.75
N LYS B 94 -44.55 0.48 -4.61
CA LYS B 94 -45.98 0.33 -4.58
C LYS B 94 -46.30 -0.99 -3.86
N PHE B 95 -47.18 -1.01 -2.88
CA PHE B 95 -47.58 -2.12 -2.02
C PHE B 95 -48.94 -2.62 -2.50
N ALA B 96 -49.02 -3.89 -2.86
CA ALA B 96 -50.20 -4.61 -3.26
C ALA B 96 -50.50 -5.62 -2.17
N VAL B 97 -51.61 -5.46 -1.46
CA VAL B 97 -51.93 -6.36 -0.35
C VAL B 97 -53.04 -7.31 -0.79
N TYR B 98 -52.76 -8.58 -0.96
CA TYR B 98 -53.68 -9.64 -1.37
C TYR B 98 -54.40 -10.25 -0.19
N PHE B 99 -55.71 -10.02 -0.06
CA PHE B 99 -56.53 -10.66 0.95
C PHE B 99 -57.25 -11.87 0.39
N ALA B 100 -57.15 -13.02 1.04
CA ALA B 100 -57.74 -14.30 0.73
C ALA B 100 -58.32 -14.90 2.01
N PRO B 101 -59.22 -15.85 1.89
CA PRO B 101 -59.75 -16.51 3.10
C PRO B 101 -58.68 -17.36 3.74
N ASN B 102 -58.75 -17.62 5.04
CA ASN B 102 -57.68 -18.44 5.62
C ASN B 102 -58.01 -19.91 5.46
N THR B 103 -57.80 -20.45 4.28
CA THR B 103 -57.90 -21.85 3.89
C THR B 103 -56.72 -22.24 3.02
N ASP B 104 -56.52 -23.52 2.73
CA ASP B 104 -55.45 -23.91 1.86
C ASP B 104 -55.64 -23.26 0.48
N ALA B 105 -56.83 -23.39 -0.09
CA ALA B 105 -57.13 -22.79 -1.39
C ALA B 105 -56.83 -21.30 -1.33
N GLY B 106 -57.37 -20.64 -0.32
CA GLY B 106 -57.23 -19.21 -0.17
C GLY B 106 -55.74 -18.85 -0.14
N PHE B 107 -54.99 -19.56 0.69
CA PHE B 107 -53.55 -19.12 0.78
C PHE B 107 -52.87 -19.31 -0.55
N LEU B 108 -53.16 -20.43 -1.19
CA LEU B 108 -52.53 -20.70 -2.49
C LEU B 108 -52.94 -19.69 -3.54
N ASP B 109 -54.24 -19.35 -3.54
CA ASP B 109 -54.73 -18.48 -4.63
C ASP B 109 -54.19 -17.08 -4.43
N ALA B 110 -53.99 -16.68 -3.18
CA ALA B 110 -53.40 -15.34 -3.02
C ALA B 110 -51.98 -15.32 -3.58
N ILE B 111 -51.22 -16.34 -3.26
CA ILE B 111 -49.84 -16.43 -3.72
C ILE B 111 -49.78 -16.50 -5.23
N THR B 112 -50.60 -17.40 -5.81
CA THR B 112 -50.51 -17.50 -7.27
C THR B 112 -51.03 -16.18 -7.88
N THR B 113 -52.08 -15.56 -7.32
CA THR B 113 -52.54 -14.30 -7.91
C THR B 113 -51.48 -13.25 -7.85
N ALA B 114 -50.77 -13.24 -6.73
CA ALA B 114 -49.77 -12.16 -6.66
C ALA B 114 -48.65 -12.38 -7.65
N ILE B 115 -48.07 -13.59 -7.67
CA ILE B 115 -46.92 -13.84 -8.55
C ILE B 115 -47.23 -13.63 -10.03
N HIS B 116 -48.43 -13.95 -10.49
CA HIS B 116 -48.82 -13.85 -11.88
C HIS B 116 -49.56 -12.56 -12.22
N ASP B 117 -49.83 -11.62 -11.34
CA ASP B 117 -50.56 -10.39 -11.54
C ASP B 117 -50.06 -9.58 -12.72
N PRO B 118 -50.79 -9.61 -13.82
CA PRO B 118 -50.32 -8.91 -15.03
C PRO B 118 -50.45 -7.41 -14.88
N THR B 119 -51.21 -6.98 -13.89
CA THR B 119 -51.30 -5.53 -13.74
C THR B 119 -50.31 -4.94 -12.73
N LEU B 120 -50.33 -5.45 -11.50
CA LEU B 120 -49.40 -4.90 -10.47
C LEU B 120 -47.99 -5.43 -10.65
N LYS B 121 -47.85 -6.65 -11.16
CA LYS B 121 -46.51 -7.19 -11.43
C LYS B 121 -45.52 -7.02 -10.27
N PRO B 122 -45.84 -7.56 -9.09
CA PRO B 122 -44.92 -7.47 -7.94
C PRO B 122 -43.59 -8.17 -8.28
N SER B 123 -42.47 -7.58 -7.86
CA SER B 123 -41.16 -8.16 -8.05
C SER B 123 -40.70 -8.92 -6.77
N VAL B 124 -41.39 -8.70 -5.65
CA VAL B 124 -41.16 -9.28 -4.33
C VAL B 124 -42.50 -9.71 -3.73
N VAL B 125 -42.55 -10.88 -3.07
CA VAL B 125 -43.80 -11.27 -2.44
C VAL B 125 -43.46 -11.48 -0.96
N SER B 126 -44.15 -10.87 -0.02
CA SER B 126 -43.83 -11.04 1.40
C SER B 126 -44.94 -11.80 2.11
N ILE B 127 -44.54 -12.86 2.81
CA ILE B 127 -45.49 -13.68 3.53
C ILE B 127 -45.17 -13.81 5.02
N SER B 128 -46.11 -13.54 5.91
CA SER B 128 -45.85 -13.73 7.34
C SER B 128 -46.88 -14.67 7.94
N TRP B 129 -47.40 -15.64 7.17
CA TRP B 129 -48.36 -16.58 7.72
C TRP B 129 -47.81 -17.97 7.42
N GLY B 130 -48.09 -18.95 8.28
CA GLY B 130 -47.67 -20.29 7.91
C GLY B 130 -48.24 -21.39 8.80
N GLY B 131 -47.57 -22.53 8.81
CA GLY B 131 -47.87 -23.64 9.70
C GLY B 131 -46.85 -24.76 9.61
N PRO B 132 -46.68 -25.61 10.61
CA PRO B 132 -45.69 -26.69 10.50
C PRO B 132 -45.95 -27.47 9.20
N GLU B 133 -44.81 -27.78 8.59
CA GLU B 133 -44.92 -28.44 7.29
C GLU B 133 -45.68 -29.76 7.42
N ASP B 134 -45.63 -30.47 8.55
CA ASP B 134 -46.37 -31.73 8.62
C ASP B 134 -47.86 -31.50 8.82
N SER B 135 -48.34 -30.29 9.10
CA SER B 135 -49.75 -29.99 9.29
C SER B 135 -50.49 -29.66 7.99
N TRP B 136 -49.73 -29.59 6.90
CA TRP B 136 -50.26 -29.31 5.59
C TRP B 136 -50.58 -30.61 4.89
N THR B 137 -51.57 -30.63 4.01
CA THR B 137 -51.69 -31.85 3.20
C THR B 137 -50.54 -31.85 2.18
N SER B 138 -50.07 -33.01 1.76
CA SER B 138 -48.97 -33.19 0.83
C SER B 138 -49.29 -32.49 -0.50
N ALA B 139 -50.58 -32.39 -0.77
CA ALA B 139 -51.17 -31.78 -1.93
C ALA B 139 -51.13 -30.26 -1.92
N ALA B 140 -51.49 -29.69 -0.78
CA ALA B 140 -51.43 -28.24 -0.72
C ALA B 140 -49.95 -27.83 -0.67
N ILE B 141 -49.08 -28.69 -0.19
CA ILE B 141 -47.63 -28.33 -0.14
C ILE B 141 -47.13 -28.35 -1.57
N ALA B 142 -47.50 -29.41 -2.28
CA ALA B 142 -47.17 -29.59 -3.69
C ALA B 142 -47.59 -28.39 -4.53
N ALA B 143 -48.80 -27.86 -4.23
CA ALA B 143 -49.26 -26.79 -5.10
C ALA B 143 -48.55 -25.49 -4.75
N MET B 144 -48.34 -25.25 -3.47
CA MET B 144 -47.73 -23.95 -3.15
C MET B 144 -46.31 -23.91 -3.68
N ASN B 145 -45.64 -25.04 -3.44
CA ASN B 145 -44.24 -25.15 -3.85
C ASN B 145 -44.11 -24.92 -5.34
N ARG B 146 -45.14 -25.44 -6.03
CA ARG B 146 -45.12 -25.29 -7.47
C ARG B 146 -45.22 -23.83 -7.83
N ALA B 147 -46.08 -23.12 -7.10
CA ALA B 147 -46.24 -21.69 -7.36
C ALA B 147 -44.94 -20.95 -7.07
N PHE B 148 -44.20 -21.30 -6.05
CA PHE B 148 -42.93 -20.64 -5.73
C PHE B 148 -41.88 -20.95 -6.78
N LEU B 149 -41.89 -22.16 -7.36
CA LEU B 149 -40.98 -22.41 -8.47
C LEU B 149 -41.30 -21.45 -9.61
N ASP B 150 -42.58 -21.24 -9.91
CA ASP B 150 -42.96 -20.34 -11.01
C ASP B 150 -42.49 -18.93 -10.75
N ALA B 151 -42.47 -18.51 -9.48
CA ALA B 151 -42.01 -17.18 -9.14
C ALA B 151 -40.56 -17.01 -9.57
N ALA B 152 -39.79 -18.05 -9.25
CA ALA B 152 -38.38 -18.12 -9.57
C ALA B 152 -38.16 -17.88 -11.07
N ALA B 153 -38.89 -18.75 -11.78
CA ALA B 153 -38.93 -18.72 -13.23
C ALA B 153 -39.23 -17.31 -13.72
N LEU B 154 -40.21 -16.60 -13.18
CA LEU B 154 -40.58 -15.24 -13.54
C LEU B 154 -39.78 -14.12 -12.92
N GLY B 155 -38.69 -14.36 -12.18
CA GLY B 155 -37.94 -13.27 -11.58
C GLY B 155 -38.59 -12.60 -10.39
N VAL B 156 -39.48 -13.29 -9.65
CA VAL B 156 -40.10 -12.69 -8.47
C VAL B 156 -39.49 -13.23 -7.20
N THR B 157 -39.04 -12.43 -6.26
CA THR B 157 -38.55 -12.91 -4.97
C THR B 157 -39.65 -13.11 -3.93
N VAL B 158 -39.59 -14.26 -3.23
CA VAL B 158 -40.59 -14.59 -2.23
C VAL B 158 -39.93 -14.84 -0.87
N LEU B 159 -40.36 -14.12 0.14
CA LEU B 159 -39.83 -14.19 1.49
C LEU B 159 -40.93 -14.69 2.42
N ALA B 160 -40.58 -15.54 3.40
CA ALA B 160 -41.61 -15.97 4.35
C ALA B 160 -41.04 -16.10 5.76
N ALA B 161 -41.75 -15.68 6.78
CA ALA B 161 -41.46 -15.78 8.19
C ALA B 161 -41.28 -17.24 8.52
N ALA B 162 -40.30 -17.57 9.35
CA ALA B 162 -40.13 -18.99 9.57
C ALA B 162 -40.87 -19.49 10.79
N GLY B 163 -41.63 -18.68 11.53
CA GLY B 163 -42.40 -19.24 12.65
C GLY B 163 -41.96 -18.64 13.97
N ASP B 164 -42.85 -18.59 14.96
CA ASP B 164 -42.56 -17.83 16.18
C ASP B 164 -42.60 -18.80 17.39
N SER B 165 -42.60 -20.10 17.13
CA SER B 165 -42.62 -21.10 18.18
C SER B 165 -41.40 -22.00 18.27
N GLY B 166 -40.20 -21.49 18.06
CA GLY B 166 -39.00 -22.30 18.14
C GLY B 166 -38.92 -23.49 17.22
N SER B 167 -38.08 -24.45 17.59
CA SER B 167 -37.71 -25.63 16.78
C SER B 167 -38.85 -26.65 16.75
N THR B 168 -39.84 -26.43 17.64
CA THR B 168 -40.95 -27.39 17.66
C THR B 168 -42.21 -26.91 16.94
N ASP B 169 -42.21 -25.64 16.58
CA ASP B 169 -43.17 -24.89 15.78
C ASP B 169 -44.59 -25.12 16.27
N GLY B 170 -44.74 -25.25 17.59
CA GLY B 170 -46.04 -25.32 18.23
C GLY B 170 -46.68 -26.69 18.32
N GLU B 171 -45.90 -27.70 17.94
CA GLU B 171 -46.46 -29.05 17.96
C GLU B 171 -45.79 -29.86 19.06
N GLN B 172 -46.57 -30.42 19.98
CA GLN B 172 -46.04 -31.15 21.14
C GLN B 172 -46.12 -32.66 20.99
N ASP B 173 -45.71 -33.18 19.84
CA ASP B 173 -45.72 -34.62 19.64
C ASP B 173 -44.36 -35.17 20.02
N GLY B 174 -43.52 -34.31 20.59
CA GLY B 174 -42.17 -34.64 21.00
C GLY B 174 -41.13 -34.42 19.90
N LEU B 175 -41.58 -34.04 18.69
CA LEU B 175 -40.58 -33.93 17.62
C LEU B 175 -40.30 -32.47 17.28
N TYR B 176 -39.19 -32.25 16.59
CA TYR B 176 -38.84 -30.95 16.03
C TYR B 176 -39.55 -30.76 14.72
N HIS B 177 -39.85 -29.53 14.32
CA HIS B 177 -40.61 -29.28 13.10
C HIS B 177 -40.28 -27.87 12.57
N VAL B 178 -40.29 -27.86 11.23
CA VAL B 178 -40.05 -26.60 10.54
C VAL B 178 -41.39 -26.17 9.94
N ASP B 179 -41.49 -24.86 9.74
CA ASP B 179 -42.68 -24.27 9.16
C ASP B 179 -42.66 -24.16 7.63
N PHE B 180 -43.88 -24.25 7.06
CA PHE B 180 -44.10 -24.09 5.64
C PHE B 180 -45.01 -22.89 5.46
N PRO B 181 -44.79 -21.97 4.53
CA PRO B 181 -43.91 -22.09 3.36
C PRO B 181 -42.44 -21.72 3.55
N ALA B 182 -41.94 -21.26 4.70
CA ALA B 182 -40.48 -21.10 4.82
C ALA B 182 -39.66 -22.31 4.40
N ALA B 183 -40.13 -23.53 4.65
CA ALA B 183 -39.36 -24.73 4.32
C ALA B 183 -39.22 -24.90 2.82
N SER B 184 -40.03 -24.20 2.03
CA SER B 184 -39.84 -24.40 0.57
C SER B 184 -38.44 -23.99 0.16
N PRO B 185 -37.78 -24.69 -0.75
CA PRO B 185 -36.45 -24.27 -1.17
C PRO B 185 -36.54 -23.05 -2.09
N TYR B 186 -37.72 -22.72 -2.60
CA TYR B 186 -37.86 -21.61 -3.56
C TYR B 186 -38.23 -20.30 -2.85
N VAL B 187 -38.27 -20.38 -1.54
CA VAL B 187 -38.58 -19.23 -0.65
C VAL B 187 -37.42 -18.77 0.19
N LEU B 188 -37.30 -17.48 0.37
CA LEU B 188 -36.24 -16.96 1.28
C LEU B 188 -36.81 -17.00 2.67
N ALA B 189 -36.41 -18.00 3.45
CA ALA B 189 -36.92 -18.23 4.80
C ALA B 189 -36.28 -17.26 5.76
N CYS B 190 -37.09 -16.57 6.55
CA CYS B 190 -36.62 -15.52 7.41
C CYS B 190 -36.82 -15.82 8.91
N GLY B 191 -35.71 -15.97 9.60
CA GLY B 191 -35.68 -16.31 11.00
C GLY B 191 -35.54 -15.04 11.82
N GLY B 192 -35.45 -15.27 13.15
CA GLY B 192 -35.54 -14.12 14.02
C GLY B 192 -34.43 -14.06 15.06
N THR B 193 -34.10 -12.80 15.31
CA THR B 193 -33.06 -12.52 16.31
C THR B 193 -33.51 -11.54 17.38
N ARG B 194 -32.62 -11.34 18.34
CA ARG B 194 -32.67 -10.30 19.35
C ARG B 194 -31.51 -9.33 19.03
N LEU B 195 -31.85 -8.14 18.62
CA LEU B 195 -30.97 -7.06 18.24
C LEU B 195 -30.80 -6.02 19.34
N VAL B 196 -29.57 -5.66 19.58
CA VAL B 196 -29.17 -4.58 20.43
C VAL B 196 -28.35 -3.67 19.50
N ALA B 197 -29.00 -2.58 19.15
CA ALA B 197 -28.41 -1.61 18.25
C ALA B 197 -28.02 -0.34 19.03
N SER B 198 -26.81 0.15 18.86
CA SER B 198 -26.38 1.41 19.48
C SER B 198 -25.47 2.16 18.50
N GLY B 199 -25.72 3.45 18.39
CA GLY B 199 -24.97 4.37 17.54
C GLY B 199 -24.95 3.90 16.09
N GLY B 200 -26.04 3.29 15.62
CA GLY B 200 -26.15 2.82 14.24
C GLY B 200 -25.42 1.53 13.96
N ARG B 201 -24.93 0.90 15.01
CA ARG B 201 -24.11 -0.28 14.89
C ARG B 201 -24.74 -1.47 15.61
N ILE B 202 -24.46 -2.68 15.13
CA ILE B 202 -24.95 -3.85 15.88
C ILE B 202 -24.05 -4.10 17.10
N ALA B 203 -24.56 -3.84 18.30
CA ALA B 203 -23.75 -4.10 19.50
C ALA B 203 -23.86 -5.57 19.86
N GLN B 204 -25.02 -6.19 19.60
CA GLN B 204 -25.22 -7.58 19.91
C GLN B 204 -26.40 -8.08 19.06
N GLU B 205 -26.34 -9.33 18.68
CA GLU B 205 -27.46 -9.92 17.93
C GLU B 205 -27.35 -11.42 18.17
N THR B 206 -28.39 -11.98 18.80
CA THR B 206 -28.41 -13.37 19.19
C THR B 206 -29.73 -14.04 18.77
N VAL B 207 -29.84 -15.35 18.88
CA VAL B 207 -31.07 -16.03 18.45
C VAL B 207 -32.25 -15.54 19.23
N TRP B 208 -33.38 -15.25 18.60
CA TRP B 208 -34.57 -14.89 19.37
C TRP B 208 -35.09 -16.13 20.09
N ASN B 209 -35.12 -16.07 21.41
CA ASN B 209 -35.67 -17.20 22.15
C ASN B 209 -36.08 -16.66 23.53
N ASP B 210 -37.38 -16.45 23.67
CA ASP B 210 -37.92 -15.94 24.92
C ASP B 210 -38.67 -17.05 25.63
N GLY B 211 -38.30 -18.32 25.43
CA GLY B 211 -39.01 -19.27 26.27
C GLY B 211 -40.36 -19.60 25.65
N PRO B 212 -40.90 -20.72 26.09
CA PRO B 212 -42.24 -21.17 25.71
C PRO B 212 -43.27 -20.05 25.74
N ASP B 213 -43.12 -19.12 26.69
CA ASP B 213 -44.10 -18.06 26.86
C ASP B 213 -43.92 -16.81 26.03
N GLY B 214 -42.71 -16.48 25.56
CA GLY B 214 -42.51 -15.25 24.83
C GLY B 214 -42.19 -15.55 23.35
N GLY B 215 -42.09 -16.80 22.96
CA GLY B 215 -41.84 -17.20 21.58
C GLY B 215 -40.35 -17.32 21.29
N ALA B 216 -40.03 -18.01 20.20
CA ALA B 216 -38.70 -18.16 19.65
C ALA B 216 -38.73 -18.29 18.11
N THR B 217 -37.58 -18.05 17.51
CA THR B 217 -37.53 -18.17 16.05
C THR B 217 -37.74 -19.60 15.57
N GLY B 218 -38.47 -19.71 14.45
CA GLY B 218 -38.55 -20.97 13.76
C GLY B 218 -37.19 -21.31 13.17
N GLY B 219 -36.95 -22.62 12.96
CA GLY B 219 -35.67 -22.99 12.32
C GLY B 219 -35.42 -24.48 12.49
N GLY B 220 -34.70 -25.17 11.62
CA GLY B 220 -34.40 -26.59 11.79
C GLY B 220 -34.17 -27.20 10.42
N VAL B 221 -34.64 -28.45 10.30
CA VAL B 221 -34.36 -29.19 9.07
C VAL B 221 -35.63 -29.81 8.52
N SER B 222 -35.94 -29.50 7.26
CA SER B 222 -37.14 -30.10 6.65
C SER B 222 -37.01 -31.60 6.51
N ARG B 223 -38.11 -32.28 6.72
CA ARG B 223 -38.26 -33.70 6.45
C ARG B 223 -39.10 -33.96 5.20
N ILE B 224 -39.48 -32.87 4.52
CA ILE B 224 -40.19 -32.96 3.25
C ILE B 224 -39.30 -32.62 2.05
N PHE B 225 -38.44 -31.63 2.17
CA PHE B 225 -37.65 -31.16 1.03
C PHE B 225 -36.22 -31.58 1.18
N PRO B 226 -35.52 -32.17 0.23
CA PRO B 226 -34.13 -32.57 0.46
C PRO B 226 -33.17 -31.37 0.53
N LEU B 227 -31.97 -31.65 0.99
CA LEU B 227 -30.91 -30.63 1.03
C LEU B 227 -30.67 -30.09 -0.35
N PRO B 228 -30.82 -28.80 -0.60
CA PRO B 228 -30.59 -28.29 -1.96
C PRO B 228 -29.10 -28.21 -2.18
N ALA B 229 -28.67 -28.29 -3.43
CA ALA B 229 -27.25 -28.21 -3.68
C ALA B 229 -26.65 -26.91 -3.16
N TRP B 230 -27.43 -25.84 -3.08
CA TRP B 230 -26.80 -24.58 -2.64
C TRP B 230 -26.59 -24.57 -1.15
N GLN B 231 -27.01 -25.63 -0.47
CA GLN B 231 -26.67 -25.67 0.97
C GLN B 231 -25.65 -26.77 1.23
N GLU B 232 -25.02 -27.26 0.14
CA GLU B 232 -24.06 -28.32 0.31
C GLU B 232 -22.84 -27.91 1.14
N HIS B 233 -22.61 -26.61 1.22
CA HIS B 233 -21.42 -26.17 1.95
C HIS B 233 -21.82 -25.38 3.17
N ALA B 234 -23.07 -25.47 3.54
CA ALA B 234 -23.63 -24.71 4.65
C ALA B 234 -23.60 -25.46 5.96
N ASN B 235 -23.02 -26.66 5.87
CA ASN B 235 -22.86 -27.54 7.03
C ASN B 235 -24.18 -27.70 7.79
N VAL B 236 -25.20 -28.04 7.01
CA VAL B 236 -26.52 -28.23 7.56
C VAL B 236 -26.59 -29.55 8.34
N PRO B 237 -27.06 -29.65 9.54
CA PRO B 237 -27.23 -31.01 10.14
C PRO B 237 -28.42 -31.76 9.58
N PRO B 238 -28.52 -33.07 9.83
CA PRO B 238 -29.75 -33.81 9.54
C PRO B 238 -30.83 -33.33 10.51
N SER B 239 -32.08 -33.70 10.29
CA SER B 239 -33.15 -33.40 11.24
C SER B 239 -32.81 -34.04 12.58
N ALA B 240 -33.16 -33.50 13.73
CA ALA B 240 -32.81 -34.06 15.02
C ALA B 240 -33.73 -35.22 15.37
N ASN B 241 -34.82 -35.33 14.62
CA ASN B 241 -35.77 -36.40 14.76
C ASN B 241 -35.11 -37.72 14.41
N PRO B 242 -35.50 -38.70 15.23
CA PRO B 242 -34.92 -40.04 15.14
C PRO B 242 -35.23 -40.62 13.76
N GLY B 243 -34.21 -41.28 13.19
CA GLY B 243 -34.37 -41.83 11.88
C GLY B 243 -34.18 -40.74 10.83
N ALA B 244 -34.17 -39.45 11.22
CA ALA B 244 -34.19 -38.53 10.05
C ALA B 244 -32.80 -38.32 9.46
N SER B 245 -32.90 -37.95 8.20
CA SER B 245 -31.71 -37.68 7.41
C SER B 245 -31.63 -36.22 7.01
N SER B 246 -30.87 -35.95 5.96
CA SER B 246 -30.59 -34.59 5.49
C SER B 246 -31.84 -33.96 4.91
N GLY B 247 -31.94 -32.64 4.96
CA GLY B 247 -33.15 -31.98 4.48
C GLY B 247 -32.77 -30.51 4.27
N ARG B 248 -33.71 -29.82 3.64
CA ARG B 248 -33.57 -28.36 3.44
C ARG B 248 -33.38 -27.66 4.77
N GLY B 249 -32.32 -26.90 5.07
CA GLY B 249 -32.25 -26.16 6.31
C GLY B 249 -32.90 -24.80 6.32
N VAL B 250 -33.62 -24.55 7.41
CA VAL B 250 -34.34 -23.33 7.73
C VAL B 250 -33.77 -22.59 8.93
N PRO B 251 -33.65 -21.28 8.86
CA PRO B 251 -33.96 -20.37 7.73
C PRO B 251 -32.76 -20.04 6.86
N ASP B 252 -32.85 -19.05 5.97
CA ASP B 252 -31.76 -18.66 5.12
C ASP B 252 -31.13 -17.38 5.64
N LEU B 253 -31.97 -16.50 6.19
CA LEU B 253 -31.48 -15.25 6.75
C LEU B 253 -32.25 -15.01 8.05
N ALA B 254 -31.73 -14.11 8.90
CA ALA B 254 -32.57 -13.75 10.04
C ALA B 254 -32.40 -12.29 10.41
N GLY B 255 -33.40 -11.77 11.13
CA GLY B 255 -33.40 -10.37 11.52
C GLY B 255 -34.20 -10.13 12.80
N ASN B 256 -34.09 -8.95 13.37
CA ASN B 256 -34.71 -8.64 14.66
C ASN B 256 -36.16 -9.05 14.72
N ALA B 257 -36.49 -9.88 15.70
CA ALA B 257 -37.87 -10.40 15.85
C ALA B 257 -38.32 -10.51 17.29
N ASP B 258 -37.38 -10.37 18.23
CA ASP B 258 -37.73 -10.46 19.66
C ASP B 258 -38.65 -9.34 20.01
N PRO B 259 -39.90 -9.59 20.42
CA PRO B 259 -40.74 -8.47 20.82
C PRO B 259 -40.16 -7.64 21.98
N ALA B 260 -39.31 -8.25 22.81
CA ALA B 260 -38.67 -7.40 23.86
C ALA B 260 -37.64 -6.43 23.27
N THR B 261 -37.33 -6.56 21.97
CA THR B 261 -36.51 -5.56 21.30
C THR B 261 -37.21 -5.24 19.97
N GLY B 262 -38.52 -5.05 20.04
CA GLY B 262 -39.43 -4.97 18.92
C GLY B 262 -39.48 -3.72 18.10
N TYR B 263 -40.48 -3.67 17.21
CA TYR B 263 -40.70 -2.59 16.29
C TYR B 263 -41.78 -1.63 16.80
N GLU B 264 -41.49 -0.35 16.80
CA GLU B 264 -42.56 0.59 17.21
C GLU B 264 -43.50 0.71 16.02
N VAL B 265 -44.79 0.43 16.12
CA VAL B 265 -45.77 0.49 15.06
C VAL B 265 -47.07 1.11 15.58
N VAL B 266 -48.01 1.42 14.68
CA VAL B 266 -49.33 1.94 14.99
C VAL B 266 -50.39 0.99 14.44
N ILE B 267 -51.12 0.30 15.31
CA ILE B 267 -52.07 -0.77 14.96
C ILE B 267 -53.48 -0.27 15.32
N ASP B 268 -54.33 -0.08 14.33
CA ASP B 268 -55.70 0.41 14.51
C ASP B 268 -55.69 1.64 15.41
N GLY B 269 -54.70 2.51 15.25
CA GLY B 269 -54.58 3.72 16.00
C GLY B 269 -53.79 3.70 17.27
N GLU B 270 -53.38 2.51 17.74
CA GLU B 270 -52.65 2.50 19.00
C GLU B 270 -51.16 2.28 18.72
N ALA B 271 -50.31 3.10 19.35
CA ALA B 271 -48.89 2.90 19.17
C ALA B 271 -48.52 1.70 20.04
N THR B 272 -47.72 0.77 19.50
CA THR B 272 -47.41 -0.42 20.28
C THR B 272 -46.08 -0.94 19.70
N VAL B 273 -45.55 -1.94 20.34
CA VAL B 273 -44.27 -2.56 19.99
C VAL B 273 -44.60 -4.03 19.71
N ILE B 274 -44.27 -4.46 18.51
CA ILE B 274 -44.53 -5.83 18.03
C ILE B 274 -43.26 -6.48 17.52
N GLY B 275 -43.09 -7.78 17.62
CA GLY B 275 -42.01 -8.53 17.03
C GLY B 275 -42.57 -9.71 16.21
N GLY B 276 -41.87 -10.82 16.30
CA GLY B 276 -42.25 -12.03 15.55
C GLY B 276 -41.41 -12.02 14.27
N THR B 277 -41.16 -13.20 13.75
CA THR B 277 -40.54 -13.37 12.43
C THR B 277 -41.48 -12.77 11.36
N SER B 278 -42.75 -12.46 11.64
CA SER B 278 -43.71 -11.76 10.83
C SER B 278 -43.21 -10.44 10.27
N ALA B 279 -42.29 -9.88 11.08
CA ALA B 279 -41.76 -8.57 10.73
C ALA B 279 -40.53 -8.69 9.81
N VAL B 280 -39.94 -9.86 9.81
CA VAL B 280 -38.63 -10.04 9.16
C VAL B 280 -38.82 -10.17 7.65
N ALA B 281 -39.86 -10.89 7.21
CA ALA B 281 -40.06 -10.95 5.77
C ALA B 281 -40.39 -9.57 5.22
N PRO B 282 -41.27 -8.74 5.77
CA PRO B 282 -41.47 -7.36 5.32
C PRO B 282 -40.18 -6.55 5.34
N LEU B 283 -39.38 -6.71 6.38
CA LEU B 283 -38.11 -6.01 6.48
C LEU B 283 -37.18 -6.32 5.29
N PHE B 284 -37.01 -7.60 5.02
CA PHE B 284 -36.05 -7.97 3.95
C PHE B 284 -36.67 -7.71 2.58
N ALA B 285 -37.98 -7.71 2.45
CA ALA B 285 -38.64 -7.39 1.20
C ALA B 285 -38.33 -5.97 0.77
N ALA B 286 -38.30 -5.02 1.70
CA ALA B 286 -37.92 -3.66 1.44
C ALA B 286 -36.46 -3.62 1.01
N LEU B 287 -35.57 -4.34 1.66
CA LEU B 287 -34.16 -4.41 1.26
C LEU B 287 -34.04 -4.92 -0.17
N VAL B 288 -34.83 -5.97 -0.48
CA VAL B 288 -34.77 -6.49 -1.83
C VAL B 288 -35.36 -5.45 -2.80
N ALA B 289 -36.46 -4.72 -2.46
CA ALA B 289 -36.88 -3.71 -3.44
C ALA B 289 -35.87 -2.59 -3.66
N ARG B 290 -35.11 -2.21 -2.65
CA ARG B 290 -34.08 -1.17 -2.81
C ARG B 290 -32.99 -1.68 -3.76
N ILE B 291 -32.58 -2.93 -3.55
CA ILE B 291 -31.55 -3.52 -4.44
C ILE B 291 -32.03 -3.60 -5.87
N ASN B 292 -33.28 -4.01 -6.11
CA ASN B 292 -33.79 -4.14 -7.44
C ASN B 292 -33.75 -2.74 -8.12
N GLN B 293 -34.12 -1.73 -7.32
CA GLN B 293 -34.11 -0.38 -7.84
C GLN B 293 -32.74 0.01 -8.40
N LYS B 294 -31.69 -0.26 -7.63
CA LYS B 294 -30.33 0.11 -8.02
C LYS B 294 -29.90 -0.75 -9.21
N LEU B 295 -30.24 -2.04 -9.20
CA LEU B 295 -29.79 -2.91 -10.30
C LEU B 295 -30.49 -2.67 -11.64
N GLY B 296 -31.68 -2.10 -11.62
CA GLY B 296 -32.51 -1.85 -12.78
C GLY B 296 -33.21 -3.13 -13.21
N LYS B 297 -33.10 -4.15 -12.36
CA LYS B 297 -33.86 -5.35 -12.74
C LYS B 297 -33.96 -6.27 -11.52
N ALA B 298 -35.09 -6.97 -11.45
CA ALA B 298 -35.38 -7.80 -10.26
C ALA B 298 -34.43 -8.94 -10.07
N VAL B 299 -33.90 -9.06 -8.85
CA VAL B 299 -33.04 -10.18 -8.52
C VAL B 299 -33.76 -11.52 -8.54
N GLY B 300 -35.08 -11.55 -8.39
CA GLY B 300 -35.80 -12.82 -8.48
C GLY B 300 -35.29 -13.85 -7.49
N TYR B 301 -35.08 -15.12 -7.85
CA TYR B 301 -34.67 -16.14 -6.86
C TYR B 301 -33.28 -15.89 -6.36
N LEU B 302 -33.17 -15.55 -5.07
CA LEU B 302 -31.86 -15.23 -4.51
C LEU B 302 -31.11 -16.33 -3.77
N ASN B 303 -31.75 -17.38 -3.37
CA ASN B 303 -31.18 -18.38 -2.42
C ASN B 303 -29.87 -18.98 -2.93
N PRO B 304 -29.81 -19.52 -4.14
CA PRO B 304 -28.53 -20.12 -4.53
C PRO B 304 -27.41 -19.08 -4.55
N THR B 305 -27.73 -17.88 -4.95
CA THR B 305 -26.71 -16.86 -5.01
C THR B 305 -26.22 -16.52 -3.62
N LEU B 306 -27.14 -16.31 -2.66
CA LEU B 306 -26.74 -15.93 -1.32
C LEU B 306 -25.70 -16.84 -0.68
N TYR B 307 -25.81 -18.14 -0.90
CA TYR B 307 -24.98 -19.13 -0.20
C TYR B 307 -23.59 -19.23 -0.82
N GLN B 308 -23.35 -18.50 -1.93
CA GLN B 308 -21.99 -18.56 -2.43
C GLN B 308 -21.36 -17.16 -2.37
N LEU B 309 -22.12 -16.19 -1.86
CA LEU B 309 -21.53 -14.87 -1.70
C LEU B 309 -20.45 -14.93 -0.62
N PRO B 310 -19.59 -13.91 -0.63
CA PRO B 310 -18.59 -13.82 0.45
C PRO B 310 -19.30 -13.77 1.79
N ALA B 311 -18.77 -14.54 2.77
CA ALA B 311 -19.39 -14.56 4.06
C ALA B 311 -19.49 -13.16 4.68
N ASP B 312 -18.56 -12.25 4.36
CA ASP B 312 -18.70 -10.93 5.02
C ASP B 312 -19.86 -10.09 4.52
N VAL B 313 -20.72 -10.59 3.63
CA VAL B 313 -21.98 -9.91 3.28
C VAL B 313 -23.00 -10.05 4.39
N PHE B 314 -22.80 -10.96 5.35
CA PHE B 314 -23.71 -11.32 6.41
C PHE B 314 -23.18 -11.09 7.83
N HIS B 315 -24.07 -10.60 8.70
CA HIS B 315 -23.66 -10.49 10.10
C HIS B 315 -23.98 -11.83 10.76
N ASP B 316 -22.93 -12.62 10.99
CA ASP B 316 -23.14 -13.96 11.58
C ASP B 316 -23.68 -14.00 12.99
N ILE B 317 -24.71 -14.82 13.20
CA ILE B 317 -25.18 -14.92 14.58
C ILE B 317 -24.58 -16.21 15.10
N THR B 318 -23.91 -16.14 16.25
CA THR B 318 -23.31 -17.35 16.79
C THR B 318 -23.82 -17.73 18.17
N GLU B 319 -24.57 -16.94 18.91
CA GLU B 319 -24.98 -17.37 20.26
C GLU B 319 -26.49 -17.49 20.36
N GLY B 320 -26.92 -18.52 21.05
CA GLY B 320 -28.33 -18.78 21.35
C GLY B 320 -28.83 -19.99 20.62
N ASN B 321 -30.07 -20.36 20.98
CA ASN B 321 -30.70 -21.54 20.41
C ASN B 321 -32.19 -21.32 20.32
N ASN B 322 -32.86 -22.13 19.53
CA ASN B 322 -34.29 -21.80 19.36
C ASN B 322 -35.21 -22.87 19.92
N ASP B 323 -34.70 -23.46 21.01
CA ASP B 323 -35.35 -24.59 21.66
C ASP B 323 -36.20 -24.03 22.79
N ILE B 324 -37.52 -24.19 22.67
CA ILE B 324 -38.40 -23.73 23.74
C ILE B 324 -39.09 -24.91 24.45
N ALA B 325 -38.77 -26.14 24.02
CA ALA B 325 -39.39 -27.33 24.53
C ALA B 325 -38.63 -28.07 25.63
N ASN B 326 -37.31 -27.95 25.56
CA ASN B 326 -36.52 -28.74 26.52
C ASN B 326 -35.13 -28.12 26.64
N ARG B 327 -34.17 -28.74 27.31
CA ARG B 327 -32.85 -28.08 27.46
C ARG B 327 -31.80 -28.69 26.56
N ALA B 328 -32.19 -29.34 25.47
CA ALA B 328 -31.28 -30.03 24.57
C ALA B 328 -30.67 -29.05 23.58
N GLN B 329 -31.11 -27.82 23.65
CA GLN B 329 -30.54 -26.78 22.75
C GLN B 329 -30.62 -27.17 21.29
N ILE B 330 -31.72 -27.79 20.86
CA ILE B 330 -31.98 -28.10 19.45
C ILE B 330 -32.88 -27.00 18.90
N TYR B 331 -32.46 -26.15 17.96
CA TYR B 331 -31.13 -26.13 17.37
C TYR B 331 -30.33 -24.93 17.90
N GLN B 332 -29.03 -25.01 17.72
CA GLN B 332 -28.11 -24.01 18.26
C GLN B 332 -27.41 -23.16 17.22
N ALA B 333 -27.19 -21.90 17.51
CA ALA B 333 -26.49 -21.01 16.56
C ALA B 333 -25.03 -21.42 16.51
N GLY B 334 -24.30 -21.10 15.46
CA GLY B 334 -22.88 -21.44 15.41
C GLY B 334 -22.19 -20.58 14.35
N PRO B 335 -20.90 -20.74 14.13
CA PRO B 335 -20.25 -20.02 13.05
C PRO B 335 -20.88 -20.36 11.68
N GLY B 336 -21.07 -19.31 10.86
CA GLY B 336 -21.64 -19.64 9.56
C GLY B 336 -23.11 -20.00 9.70
N TRP B 337 -23.57 -20.78 8.70
CA TRP B 337 -24.98 -21.07 8.63
C TRP B 337 -25.37 -21.88 9.86
N ASP B 338 -26.57 -21.59 10.42
CA ASP B 338 -27.08 -22.48 11.45
C ASP B 338 -28.62 -22.54 11.37
N PRO B 339 -29.23 -23.51 11.99
CA PRO B 339 -30.68 -23.67 11.83
C PRO B 339 -31.50 -22.85 12.80
N CYS B 340 -30.98 -21.72 13.28
CA CYS B 340 -31.69 -20.72 14.05
C CYS B 340 -31.83 -19.43 13.24
N THR B 341 -30.73 -19.08 12.59
CA THR B 341 -30.62 -17.79 11.92
C THR B 341 -30.07 -17.87 10.51
N GLY B 342 -29.84 -19.04 9.92
CA GLY B 342 -29.29 -19.22 8.60
C GLY B 342 -27.94 -18.54 8.48
N LEU B 343 -27.72 -17.80 7.41
CA LEU B 343 -26.43 -17.10 7.18
C LEU B 343 -26.20 -15.90 8.10
N GLY B 344 -27.27 -15.44 8.72
CA GLY B 344 -27.55 -14.45 9.72
C GLY B 344 -28.23 -13.19 9.22
N SER B 345 -27.85 -12.00 9.70
CA SER B 345 -28.58 -10.84 9.16
C SER B 345 -27.78 -10.30 7.97
N PRO B 346 -28.47 -9.81 6.98
CA PRO B 346 -27.76 -9.31 5.79
C PRO B 346 -27.19 -7.91 6.06
N ILE B 347 -25.98 -7.67 5.54
CA ILE B 347 -25.43 -6.32 5.60
C ILE B 347 -25.79 -5.64 4.28
N GLY B 348 -26.84 -4.80 4.29
CA GLY B 348 -27.47 -4.29 3.09
C GLY B 348 -26.53 -3.80 2.01
N VAL B 349 -25.63 -2.88 2.40
CA VAL B 349 -24.80 -2.27 1.38
C VAL B 349 -23.80 -3.28 0.83
N ARG B 350 -23.39 -4.28 1.64
CA ARG B 350 -22.45 -5.27 1.06
C ARG B 350 -23.19 -6.27 0.17
N LEU B 351 -24.43 -6.62 0.47
CA LEU B 351 -25.23 -7.49 -0.40
C LEU B 351 -25.42 -6.85 -1.78
N LEU B 352 -25.81 -5.59 -1.73
CA LEU B 352 -25.97 -4.79 -2.93
C LEU B 352 -24.68 -4.80 -3.75
N GLN B 353 -23.57 -4.42 -3.12
CA GLN B 353 -22.30 -4.35 -3.85
C GLN B 353 -21.97 -5.68 -4.46
N ALA B 354 -22.15 -6.78 -3.75
CA ALA B 354 -21.83 -8.10 -4.30
C ALA B 354 -22.73 -8.46 -5.48
N LEU B 355 -23.95 -7.92 -5.56
CA LEU B 355 -24.89 -8.34 -6.58
C LEU B 355 -24.74 -7.43 -7.82
N LEU B 356 -23.97 -6.36 -7.67
CA LEU B 356 -23.68 -5.49 -8.81
C LEU B 356 -22.87 -6.29 -9.84
N PRO B 357 -23.13 -6.14 -11.12
N THR C 4 32.63 26.15 1.75
CA THR C 4 31.51 25.82 0.89
C THR C 4 31.41 24.31 0.61
N ALA C 5 30.75 24.00 -0.49
CA ALA C 5 30.37 22.68 -0.94
C ALA C 5 29.76 22.74 -2.34
N TYR C 6 29.92 21.68 -3.11
CA TYR C 6 29.45 21.65 -4.47
C TYR C 6 28.77 20.33 -4.76
N THR C 7 28.03 20.21 -5.86
CA THR C 7 27.66 18.81 -6.13
C THR C 7 28.75 18.37 -7.13
N PRO C 8 28.93 17.10 -7.43
CA PRO C 8 29.91 16.82 -8.51
C PRO C 8 29.53 17.57 -9.78
N LEU C 9 28.24 17.79 -10.03
CA LEU C 9 27.89 18.50 -11.27
C LEU C 9 28.42 19.92 -11.33
N ASP C 10 28.46 20.56 -10.16
CA ASP C 10 28.99 21.92 -10.23
C ASP C 10 30.42 21.91 -10.68
N VAL C 11 31.11 20.86 -10.20
CA VAL C 11 32.56 20.89 -10.46
C VAL C 11 32.83 20.50 -11.91
N ALA C 12 32.13 19.48 -12.38
CA ALA C 12 32.14 19.00 -13.74
C ALA C 12 31.87 20.19 -14.65
N GLN C 13 30.86 20.96 -14.21
CA GLN C 13 30.58 22.13 -15.05
C GLN C 13 31.76 23.07 -15.08
N ALA C 14 32.39 23.34 -13.94
CA ALA C 14 33.52 24.27 -14.00
C ALA C 14 34.67 23.72 -14.83
N TYR C 15 34.81 22.40 -14.91
CA TYR C 15 35.92 21.79 -15.62
C TYR C 15 35.58 21.51 -17.07
N GLN C 16 34.40 22.07 -17.38
CA GLN C 16 33.86 21.94 -18.73
C GLN C 16 33.83 20.49 -19.18
N PHE C 17 33.11 19.70 -18.41
CA PHE C 17 32.90 18.31 -18.78
C PHE C 17 32.05 18.28 -20.06
N PRO C 18 32.46 17.49 -21.05
CA PRO C 18 31.72 17.35 -22.30
C PRO C 18 30.29 16.87 -22.09
N GLU C 19 29.36 17.74 -22.51
CA GLU C 19 27.97 17.33 -22.31
C GLU C 19 27.53 16.37 -23.42
N GLY C 20 26.37 15.77 -23.23
CA GLY C 20 25.69 14.79 -24.03
C GLY C 20 26.18 13.38 -23.83
N LEU C 21 27.19 13.26 -22.98
CA LEU C 21 27.75 11.95 -22.67
C LEU C 21 27.58 11.71 -21.18
N ASP C 22 27.13 10.50 -20.87
CA ASP C 22 26.95 10.05 -19.51
C ASP C 22 27.63 8.71 -19.28
N GLY C 23 28.48 8.31 -20.24
CA GLY C 23 29.27 7.10 -20.14
C GLY C 23 28.50 5.82 -20.30
N GLN C 24 27.34 5.97 -20.92
CA GLN C 24 26.56 4.81 -21.30
C GLN C 24 27.44 3.91 -22.15
N GLY C 25 27.43 2.60 -21.93
CA GLY C 25 28.17 1.60 -22.65
C GLY C 25 29.54 1.33 -22.01
N GLN C 26 29.91 2.16 -21.00
CA GLN C 26 31.19 2.00 -20.30
C GLN C 26 30.99 1.34 -18.94
N CYS C 27 32.08 0.79 -18.42
CA CYS C 27 32.04 0.16 -17.08
C CYS C 27 33.26 0.71 -16.35
N ILE C 28 32.93 1.23 -15.19
CA ILE C 28 33.97 1.85 -14.36
C ILE C 28 34.18 0.92 -13.17
N ALA C 29 35.37 0.41 -12.96
CA ALA C 29 35.74 -0.39 -11.82
C ALA C 29 36.22 0.50 -10.67
N ILE C 30 35.88 0.14 -9.44
CA ILE C 30 36.28 0.92 -8.28
C ILE C 30 36.81 -0.09 -7.29
N ILE C 31 38.04 0.09 -6.83
CA ILE C 31 38.68 -0.78 -5.86
C ILE C 31 38.43 -0.34 -4.43
N GLU C 32 38.03 -1.33 -3.63
CA GLU C 32 37.76 -1.09 -2.22
C GLU C 32 38.45 -2.14 -1.36
N LEU C 33 39.02 -1.71 -0.24
CA LEU C 33 39.72 -2.54 0.71
C LEU C 33 39.01 -2.52 2.07
N GLY C 34 37.73 -2.09 2.08
CA GLY C 34 37.02 -2.15 3.34
C GLY C 34 35.57 -1.70 3.24
N GLY C 35 34.84 -1.87 4.33
CA GLY C 35 33.45 -1.46 4.47
C GLY C 35 32.57 -1.89 3.33
N GLY C 36 31.65 -1.01 2.93
CA GLY C 36 30.79 -1.31 1.78
C GLY C 36 29.85 -0.15 1.53
N TYR C 37 28.84 -0.39 0.71
CA TYR C 37 27.82 0.62 0.48
C TYR C 37 26.48 0.02 0.91
N ASP C 38 25.59 0.79 1.53
CA ASP C 38 24.19 0.39 1.78
C ASP C 38 23.35 0.96 0.65
N GLU C 39 22.23 0.36 0.22
CA GLU C 39 21.50 0.88 -0.93
C GLU C 39 20.71 2.14 -0.65
N ALA C 40 20.35 2.27 0.60
CA ALA C 40 19.62 3.47 1.06
C ALA C 40 20.41 4.74 0.80
N SER C 41 21.71 4.67 1.14
CA SER C 41 22.54 5.88 0.94
C SER C 41 22.62 6.25 -0.53
N LEU C 42 22.87 5.21 -1.40
CA LEU C 42 22.93 5.65 -2.80
C LEU C 42 21.56 6.07 -3.34
N ALA C 43 20.44 5.45 -2.97
CA ALA C 43 19.16 5.99 -3.50
C ALA C 43 18.89 7.43 -3.11
N GLN C 44 19.13 7.69 -1.82
CA GLN C 44 18.98 9.06 -1.31
C GLN C 44 19.76 10.08 -2.11
N TYR C 45 21.03 9.70 -2.34
CA TYR C 45 21.94 10.57 -3.06
C TYR C 45 21.47 10.80 -4.48
N PHE C 46 21.20 9.76 -5.28
CA PHE C 46 20.89 10.07 -6.68
C PHE C 46 19.56 10.82 -6.76
N ALA C 47 18.68 10.59 -5.81
CA ALA C 47 17.38 11.31 -5.89
C ALA C 47 17.66 12.81 -5.80
N SER C 48 18.66 13.18 -4.99
CA SER C 48 18.89 14.60 -4.73
C SER C 48 19.35 15.38 -5.96
N LEU C 49 19.81 14.65 -6.97
CA LEU C 49 20.25 15.23 -8.23
C LEU C 49 19.19 15.05 -9.29
N GLY C 50 18.00 14.58 -8.89
CA GLY C 50 16.93 14.43 -9.87
C GLY C 50 17.21 13.35 -10.88
N VAL C 51 18.13 12.42 -10.57
CA VAL C 51 18.45 11.39 -11.56
C VAL C 51 18.34 9.99 -10.97
N PRO C 52 18.13 9.02 -11.84
CA PRO C 52 18.13 7.60 -11.49
C PRO C 52 19.50 7.04 -11.07
N ALA C 53 19.49 6.20 -10.02
CA ALA C 53 20.72 5.57 -9.57
C ALA C 53 21.33 4.68 -10.66
N PRO C 54 22.57 4.90 -11.08
CA PRO C 54 23.19 3.97 -12.05
C PRO C 54 23.22 2.53 -11.55
N GLN C 55 23.59 1.61 -12.48
CA GLN C 55 23.75 0.23 -12.10
C GLN C 55 25.06 0.04 -11.32
N VAL C 56 25.05 -0.63 -10.17
CA VAL C 56 26.24 -0.83 -9.36
C VAL C 56 26.27 -2.30 -8.98
N VAL C 57 27.38 -2.97 -9.26
CA VAL C 57 27.64 -4.37 -9.01
C VAL C 57 28.80 -4.50 -8.03
N SER C 58 28.71 -5.42 -7.11
CA SER C 58 29.75 -5.74 -6.17
C SER C 58 30.48 -6.99 -6.66
N VAL C 59 31.81 -7.00 -6.59
CA VAL C 59 32.54 -8.19 -6.96
C VAL C 59 33.40 -8.59 -5.76
N SER C 60 33.32 -9.84 -5.37
CA SER C 60 34.09 -10.33 -4.24
C SER C 60 35.49 -10.81 -4.60
N VAL C 61 36.53 -10.37 -3.93
CA VAL C 61 37.91 -10.71 -4.22
C VAL C 61 38.53 -11.28 -2.94
N ASP C 62 39.13 -12.45 -3.09
CA ASP C 62 39.78 -13.15 -2.02
C ASP C 62 38.89 -13.18 -0.79
N GLY C 63 37.65 -13.58 -0.99
CA GLY C 63 36.79 -13.73 0.20
C GLY C 63 36.34 -12.44 0.84
N ALA C 64 36.52 -11.28 0.21
CA ALA C 64 35.93 -10.11 0.88
C ALA C 64 34.63 -9.81 0.14
N SER C 65 33.74 -8.99 0.70
CA SER C 65 32.52 -8.63 0.00
C SER C 65 32.00 -7.26 0.41
N ASN C 66 30.85 -6.89 -0.13
CA ASN C 66 30.22 -5.60 0.15
C ASN C 66 29.61 -5.66 1.54
N GLN C 67 30.32 -5.13 2.53
CA GLN C 67 29.90 -5.16 3.92
C GLN C 67 29.95 -3.80 4.61
N PRO C 68 28.91 -2.99 4.43
CA PRO C 68 28.91 -1.65 5.01
C PRO C 68 28.79 -1.77 6.52
N THR C 69 29.71 -1.16 7.27
CA THR C 69 29.70 -1.30 8.73
C THR C 69 28.69 -0.38 9.41
N GLY C 70 28.17 0.60 8.67
CA GLY C 70 27.21 1.57 9.15
C GLY C 70 27.81 2.79 9.84
N ASP C 71 29.13 2.88 9.89
CA ASP C 71 29.83 3.99 10.51
C ASP C 71 30.30 4.99 9.47
N PRO C 72 29.80 6.21 9.42
CA PRO C 72 30.20 7.15 8.37
C PRO C 72 31.68 7.54 8.43
N SER C 73 32.35 7.17 9.51
CA SER C 73 33.76 7.52 9.68
C SER C 73 34.68 6.42 9.22
N GLY C 74 34.07 5.31 8.81
CA GLY C 74 34.87 4.16 8.40
C GLY C 74 34.99 4.12 6.89
N PRO C 75 35.48 2.97 6.45
CA PRO C 75 35.67 2.69 5.02
C PRO C 75 34.36 2.85 4.26
N ASP C 76 33.17 2.85 4.89
CA ASP C 76 32.00 3.11 4.08
C ASP C 76 32.01 4.48 3.40
N GLY C 77 32.59 5.43 4.10
CA GLY C 77 32.81 6.80 3.62
C GLY C 77 33.54 6.72 2.29
N GLU C 78 34.62 5.93 2.26
CA GLU C 78 35.35 5.87 0.96
C GLU C 78 34.49 5.19 -0.11
N VAL C 79 33.88 4.05 0.20
CA VAL C 79 33.06 3.32 -0.78
C VAL C 79 31.97 4.21 -1.37
N GLU C 80 31.11 4.74 -0.46
CA GLU C 80 30.00 5.55 -0.97
C GLU C 80 30.47 6.81 -1.65
N LEU C 81 31.54 7.45 -1.15
CA LEU C 81 31.95 8.65 -1.86
C LEU C 81 32.41 8.30 -3.25
N ASP C 82 33.10 7.18 -3.44
CA ASP C 82 33.64 6.90 -4.76
C ASP C 82 32.48 6.67 -5.75
N ILE C 83 31.49 5.89 -5.28
CA ILE C 83 30.34 5.58 -6.15
C ILE C 83 29.51 6.81 -6.46
N GLU C 84 29.23 7.60 -5.43
CA GLU C 84 28.37 8.78 -5.69
C GLU C 84 28.99 9.82 -6.59
N VAL C 85 30.27 10.15 -6.36
CA VAL C 85 30.90 11.15 -7.24
C VAL C 85 31.04 10.72 -8.69
N ALA C 86 31.55 9.51 -8.94
CA ALA C 86 31.72 9.03 -10.30
C ALA C 86 30.34 8.73 -10.91
N GLY C 87 29.42 8.15 -10.15
CA GLY C 87 28.07 7.88 -10.61
C GLY C 87 27.32 9.15 -11.00
N ALA C 88 27.62 10.29 -10.36
CA ALA C 88 26.85 11.50 -10.68
C ALA C 88 27.18 12.11 -12.03
N LEU C 89 28.41 11.84 -12.47
CA LEU C 89 28.99 12.35 -13.69
C LEU C 89 28.98 11.31 -14.78
N ALA C 90 28.86 10.02 -14.42
CA ALA C 90 28.78 9.04 -15.49
C ALA C 90 27.66 8.08 -15.16
N PRO C 91 26.43 8.63 -15.05
CA PRO C 91 25.31 7.77 -14.60
C PRO C 91 24.88 6.78 -15.67
N GLY C 92 25.31 6.97 -16.93
CA GLY C 92 24.89 5.96 -17.92
C GLY C 92 25.80 4.75 -17.90
N ALA C 93 26.91 4.93 -17.20
CA ALA C 93 27.97 3.93 -17.07
C ALA C 93 27.58 2.87 -16.07
N LYS C 94 28.08 1.64 -16.14
CA LYS C 94 27.87 0.59 -15.13
C LYS C 94 29.06 0.60 -14.17
N PHE C 95 28.90 0.47 -12.86
CA PHE C 95 29.97 0.52 -11.88
C PHE C 95 30.12 -0.87 -11.25
N ALA C 96 31.35 -1.36 -11.27
CA ALA C 96 31.84 -2.60 -10.69
C ALA C 96 32.73 -2.29 -9.50
N VAL C 97 32.31 -2.73 -8.33
CA VAL C 97 33.03 -2.38 -7.10
C VAL C 97 33.62 -3.64 -6.51
N TYR C 98 34.95 -3.69 -6.64
CA TYR C 98 35.70 -4.86 -6.23
C TYR C 98 36.12 -4.73 -4.78
N PHE C 99 35.69 -5.69 -3.95
CA PHE C 99 36.00 -5.57 -2.52
C PHE C 99 37.05 -6.62 -2.18
N ALA C 100 38.14 -6.25 -1.51
CA ALA C 100 39.18 -7.23 -1.22
C ALA C 100 39.79 -6.99 0.15
N PRO C 101 40.49 -7.99 0.68
CA PRO C 101 41.14 -7.76 1.96
C PRO C 101 42.11 -6.59 1.83
N ASN C 102 42.28 -5.88 2.94
CA ASN C 102 43.26 -4.80 2.94
C ASN C 102 44.63 -5.39 3.28
N THR C 103 45.22 -6.03 2.29
CA THR C 103 46.54 -6.63 2.39
C THR C 103 47.26 -6.40 1.06
N ASP C 104 48.57 -6.68 1.02
CA ASP C 104 49.25 -6.49 -0.28
C ASP C 104 48.60 -7.29 -1.39
N ALA C 105 48.38 -8.58 -1.13
CA ALA C 105 47.75 -9.47 -2.09
C ALA C 105 46.29 -9.10 -2.40
N GLY C 106 45.50 -8.73 -1.38
CA GLY C 106 44.09 -8.36 -1.66
C GLY C 106 44.03 -7.11 -2.53
N PHE C 107 44.88 -6.12 -2.23
CA PHE C 107 44.90 -4.93 -3.12
C PHE C 107 45.34 -5.30 -4.53
N LEU C 108 46.40 -6.12 -4.67
CA LEU C 108 46.86 -6.54 -5.98
C LEU C 108 45.81 -7.33 -6.74
N ASP C 109 45.22 -8.28 -6.04
CA ASP C 109 44.18 -9.18 -6.57
C ASP C 109 42.99 -8.41 -7.08
N ALA C 110 42.53 -7.46 -6.27
CA ALA C 110 41.43 -6.62 -6.72
C ALA C 110 41.75 -5.91 -8.01
N ILE C 111 42.94 -5.33 -8.11
CA ILE C 111 43.30 -4.65 -9.35
C ILE C 111 43.40 -5.61 -10.52
N THR C 112 44.02 -6.76 -10.32
CA THR C 112 44.17 -7.61 -11.49
C THR C 112 42.82 -8.24 -11.85
N THR C 113 42.03 -8.56 -10.84
CA THR C 113 40.69 -9.09 -11.18
C THR C 113 39.92 -8.11 -12.04
N ALA C 114 39.92 -6.84 -11.61
CA ALA C 114 39.21 -5.80 -12.36
C ALA C 114 39.70 -5.66 -13.79
N ILE C 115 41.03 -5.56 -13.87
CA ILE C 115 41.62 -5.35 -15.19
C ILE C 115 41.28 -6.48 -16.13
N HIS C 116 41.19 -7.73 -15.64
CA HIS C 116 40.98 -8.83 -16.60
C HIS C 116 39.57 -9.42 -16.56
N ASP C 117 38.69 -8.77 -15.82
CA ASP C 117 37.33 -9.24 -15.69
C ASP C 117 36.67 -9.46 -17.05
N PRO C 118 36.42 -10.72 -17.45
CA PRO C 118 35.82 -10.91 -18.77
C PRO C 118 34.29 -10.81 -18.71
N THR C 119 33.70 -10.78 -17.52
CA THR C 119 32.25 -10.62 -17.35
C THR C 119 31.91 -9.14 -17.45
N LEU C 120 32.47 -8.31 -16.54
CA LEU C 120 32.17 -6.88 -16.48
C LEU C 120 33.08 -5.97 -17.27
N LYS C 121 34.28 -6.42 -17.63
CA LYS C 121 35.14 -5.70 -18.56
C LYS C 121 35.24 -4.18 -18.52
N PRO C 122 35.77 -3.68 -17.38
CA PRO C 122 35.89 -2.23 -17.23
C PRO C 122 36.96 -1.64 -18.12
N SER C 123 36.70 -0.43 -18.58
CA SER C 123 37.61 0.38 -19.37
C SER C 123 38.33 1.41 -18.50
N VAL C 124 37.86 1.65 -17.29
CA VAL C 124 38.64 2.57 -16.44
C VAL C 124 38.58 1.98 -15.03
N VAL C 125 39.65 2.17 -14.27
CA VAL C 125 39.77 1.71 -12.89
C VAL C 125 40.15 2.91 -12.02
N SER C 126 39.39 3.14 -10.97
CA SER C 126 39.46 4.24 -10.01
C SER C 126 39.88 3.70 -8.67
N ILE C 127 40.95 4.27 -8.11
CA ILE C 127 41.54 3.79 -6.87
C ILE C 127 41.68 4.95 -5.90
N SER C 128 41.23 4.84 -4.66
CA SER C 128 41.29 5.89 -3.65
C SER C 128 41.95 5.42 -2.38
N TRP C 129 42.83 4.41 -2.53
CA TRP C 129 43.60 3.91 -1.39
C TRP C 129 45.09 3.84 -1.77
N GLY C 130 45.94 4.09 -0.79
CA GLY C 130 47.39 4.00 -1.10
C GLY C 130 48.17 4.05 0.19
N GLY C 131 49.46 4.40 0.04
CA GLY C 131 50.33 4.58 1.18
C GLY C 131 51.70 5.03 0.62
N PRO C 132 52.50 5.69 1.45
CA PRO C 132 53.84 6.12 1.06
C PRO C 132 54.59 4.99 0.37
N GLU C 133 55.17 5.36 -0.77
CA GLU C 133 55.85 4.36 -1.60
C GLU C 133 56.89 3.62 -0.78
N ASP C 134 57.56 4.21 0.19
CA ASP C 134 58.61 3.49 0.90
C ASP C 134 58.03 2.54 1.94
N SER C 135 56.69 2.58 2.10
CA SER C 135 56.05 1.73 3.10
C SER C 135 55.59 0.41 2.50
N TRP C 136 55.50 0.30 1.18
CA TRP C 136 55.19 -0.96 0.52
C TRP C 136 56.36 -1.93 0.43
N THR C 137 56.13 -3.24 0.39
CA THR C 137 57.28 -4.15 0.24
C THR C 137 57.83 -4.03 -1.17
N SER C 138 59.10 -4.37 -1.42
CA SER C 138 59.54 -4.19 -2.81
C SER C 138 58.79 -5.19 -3.69
N ALA C 139 58.46 -6.37 -3.18
CA ALA C 139 57.67 -7.26 -4.04
C ALA C 139 56.28 -6.73 -4.36
N ALA C 140 55.56 -6.07 -3.45
CA ALA C 140 54.26 -5.54 -3.82
C ALA C 140 54.38 -4.33 -4.77
N ILE C 141 55.40 -3.48 -4.60
CA ILE C 141 55.61 -2.37 -5.52
C ILE C 141 55.73 -2.92 -6.94
N ALA C 142 56.55 -3.97 -7.06
CA ALA C 142 56.81 -4.46 -8.41
C ALA C 142 55.60 -5.15 -9.00
N ALA C 143 54.87 -5.93 -8.20
CA ALA C 143 53.72 -6.68 -8.74
C ALA C 143 52.60 -5.75 -9.15
N MET C 144 52.41 -4.73 -8.30
CA MET C 144 51.41 -3.71 -8.62
C MET C 144 51.78 -2.93 -9.85
N ASN C 145 53.02 -2.41 -9.96
CA ASN C 145 53.44 -1.69 -11.16
C ASN C 145 53.24 -2.51 -12.42
N ARG C 146 53.56 -3.81 -12.35
CA ARG C 146 53.36 -4.69 -13.51
C ARG C 146 51.86 -4.85 -13.78
N ALA C 147 51.06 -4.89 -12.69
CA ALA C 147 49.61 -4.96 -12.96
C ALA C 147 49.16 -3.75 -13.76
N PHE C 148 49.67 -2.57 -13.36
CA PHE C 148 49.28 -1.36 -14.08
C PHE C 148 49.82 -1.28 -15.49
N LEU C 149 51.00 -1.88 -15.67
CA LEU C 149 51.58 -1.96 -17.00
C LEU C 149 50.65 -2.77 -17.89
N ASP C 150 50.18 -3.91 -17.37
CA ASP C 150 49.26 -4.70 -18.21
C ASP C 150 48.00 -3.98 -18.60
N ALA C 151 47.42 -3.19 -17.68
CA ALA C 151 46.22 -2.42 -18.01
C ALA C 151 46.46 -1.45 -19.12
N ALA C 152 47.67 -0.89 -19.18
CA ALA C 152 47.95 0.05 -20.28
C ALA C 152 48.01 -0.73 -21.60
N ALA C 153 48.49 -1.97 -21.51
CA ALA C 153 48.60 -2.82 -22.70
C ALA C 153 47.17 -3.17 -23.17
N LEU C 154 46.38 -3.49 -22.15
CA LEU C 154 45.01 -3.93 -22.27
C LEU C 154 44.06 -2.78 -22.63
N GLY C 155 44.48 -1.51 -22.55
CA GLY C 155 43.63 -0.39 -22.88
C GLY C 155 42.74 0.07 -21.75
N VAL C 156 43.10 -0.30 -20.52
CA VAL C 156 42.29 0.13 -19.35
C VAL C 156 42.91 1.33 -18.68
N THR C 157 42.16 2.39 -18.40
CA THR C 157 42.71 3.56 -17.70
C THR C 157 42.71 3.30 -16.19
N VAL C 158 43.79 3.67 -15.48
CA VAL C 158 43.81 3.45 -14.04
C VAL C 158 44.15 4.81 -13.43
N LEU C 159 43.30 5.34 -12.58
CA LEU C 159 43.38 6.67 -11.97
C LEU C 159 43.57 6.47 -10.47
N ALA C 160 44.46 7.20 -9.81
CA ALA C 160 44.56 6.95 -8.37
C ALA C 160 44.78 8.24 -7.60
N ALA C 161 44.20 8.32 -6.42
CA ALA C 161 44.40 9.47 -5.54
C ALA C 161 45.86 9.57 -5.07
N ALA C 162 46.41 10.75 -5.15
CA ALA C 162 47.80 11.01 -4.80
C ALA C 162 48.03 11.13 -3.30
N GLY C 163 46.96 11.27 -2.51
CA GLY C 163 47.25 11.35 -1.07
C GLY C 163 46.67 12.58 -0.42
N ASP C 164 46.51 12.57 0.91
CA ASP C 164 45.86 13.67 1.57
C ASP C 164 46.73 14.29 2.67
N SER C 165 48.02 14.00 2.60
CA SER C 165 48.88 14.42 3.69
C SER C 165 50.12 15.15 3.18
N GLY C 166 50.00 15.90 2.10
CA GLY C 166 51.04 16.80 1.70
C GLY C 166 52.22 16.07 1.07
N SER C 167 53.31 16.82 0.91
CA SER C 167 54.56 16.32 0.36
C SER C 167 55.26 15.36 1.31
N THR C 168 54.87 15.31 2.57
CA THR C 168 55.49 14.27 3.44
C THR C 168 54.69 13.00 3.56
N ASP C 169 53.49 12.94 2.99
CA ASP C 169 52.64 11.76 2.94
C ASP C 169 52.48 11.06 4.28
N GLY C 170 52.44 11.81 5.39
CA GLY C 170 52.17 11.22 6.69
C GLY C 170 53.33 10.54 7.38
N GLU C 171 54.53 10.70 6.86
CA GLU C 171 55.69 10.07 7.50
C GLU C 171 56.57 11.16 8.09
N GLN C 172 57.14 10.94 9.26
CA GLN C 172 57.95 11.94 9.94
C GLN C 172 59.41 11.53 10.12
N ASP C 173 60.13 11.51 9.02
CA ASP C 173 61.54 11.08 8.97
C ASP C 173 62.38 12.21 8.45
N GLY C 174 61.70 13.35 8.26
CA GLY C 174 62.31 14.51 7.63
C GLY C 174 62.33 14.47 6.12
N LEU C 175 62.06 13.31 5.50
CA LEU C 175 62.07 13.23 4.07
C LEU C 175 60.70 13.48 3.45
N TYR C 176 60.68 13.96 2.22
CA TYR C 176 59.42 14.06 1.52
C TYR C 176 59.10 12.76 0.87
N HIS C 177 57.82 12.44 0.65
CA HIS C 177 57.48 11.14 0.11
C HIS C 177 56.25 11.19 -0.80
N VAL C 178 56.32 10.48 -1.91
CA VAL C 178 55.10 10.41 -2.71
C VAL C 178 54.39 9.11 -2.31
N ASP C 179 53.14 9.01 -2.75
CA ASP C 179 52.28 7.87 -2.43
C ASP C 179 52.16 6.87 -3.56
N PHE C 180 51.97 5.60 -3.20
CA PHE C 180 51.82 4.53 -4.18
C PHE C 180 50.44 3.88 -3.99
N PRO C 181 49.65 3.61 -5.01
CA PRO C 181 50.03 3.52 -6.42
C PRO C 181 49.98 4.78 -7.29
N ALA C 182 49.68 5.96 -6.77
CA ALA C 182 49.75 7.10 -7.68
C ALA C 182 51.17 7.24 -8.31
N ALA C 183 52.19 6.85 -7.59
CA ALA C 183 53.54 7.08 -8.13
C ALA C 183 53.90 6.13 -9.26
N SER C 184 53.09 5.10 -9.48
CA SER C 184 53.25 4.24 -10.62
C SER C 184 53.35 5.08 -11.90
N PRO C 185 54.27 4.99 -12.83
CA PRO C 185 54.12 5.77 -14.07
C PRO C 185 52.97 5.24 -14.94
N TYR C 186 52.37 4.07 -14.65
CA TYR C 186 51.22 3.64 -15.49
C TYR C 186 49.90 4.07 -14.91
N VAL C 187 49.98 4.91 -13.90
CA VAL C 187 48.74 5.37 -13.24
C VAL C 187 48.50 6.84 -13.48
N LEU C 188 47.23 7.20 -13.63
CA LEU C 188 46.94 8.66 -13.75
C LEU C 188 46.80 9.15 -12.31
N ALA C 189 47.90 9.76 -11.82
CA ALA C 189 47.96 10.25 -10.46
C ALA C 189 47.07 11.48 -10.31
N CYS C 190 46.12 11.48 -9.37
CA CYS C 190 45.28 12.65 -9.22
C CYS C 190 45.50 13.44 -7.95
N GLY C 191 45.93 14.71 -8.11
CA GLY C 191 46.18 15.58 -6.97
C GLY C 191 44.92 16.37 -6.61
N GLY C 192 45.04 17.26 -5.64
CA GLY C 192 43.93 18.00 -5.04
C GLY C 192 44.11 19.51 -5.06
N THR C 193 43.00 20.23 -5.24
CA THR C 193 42.94 21.68 -5.32
C THR C 193 41.76 22.25 -4.52
N ARG C 194 41.86 23.55 -4.20
CA ARG C 194 40.74 24.31 -3.62
C ARG C 194 40.09 25.04 -4.81
N LEU C 195 38.85 24.66 -5.12
CA LEU C 195 38.17 25.18 -6.30
C LEU C 195 37.18 26.29 -5.95
N VAL C 196 37.18 27.37 -6.74
CA VAL C 196 36.20 28.45 -6.58
C VAL C 196 35.58 28.68 -7.95
N ALA C 197 34.37 28.20 -8.14
CA ALA C 197 33.59 28.27 -9.35
C ALA C 197 32.25 28.97 -9.08
N SER C 198 31.73 29.58 -10.13
CA SER C 198 30.45 30.27 -10.15
C SER C 198 30.02 30.50 -11.59
N GLY C 199 28.73 30.32 -11.87
CA GLY C 199 28.30 30.52 -13.25
C GLY C 199 29.03 29.62 -14.22
N GLY C 200 29.48 28.46 -13.72
CA GLY C 200 30.17 27.51 -14.57
C GLY C 200 31.53 28.00 -15.06
N ARG C 201 32.11 28.96 -14.36
CA ARG C 201 33.43 29.46 -14.71
C ARG C 201 34.39 29.28 -13.55
N ILE C 202 35.63 28.88 -13.87
CA ILE C 202 36.52 28.77 -12.72
C ILE C 202 36.79 30.19 -12.24
N ALA C 203 36.45 30.44 -10.99
CA ALA C 203 36.70 31.76 -10.41
C ALA C 203 38.12 31.77 -9.85
N GLN C 204 38.57 30.62 -9.38
CA GLN C 204 39.96 30.48 -8.95
C GLN C 204 40.22 29.04 -8.52
N GLU C 205 41.47 28.59 -8.63
CA GLU C 205 41.81 27.22 -8.28
C GLU C 205 43.25 27.21 -7.77
N THR C 206 43.45 26.97 -6.48
CA THR C 206 44.79 26.92 -5.90
C THR C 206 45.13 25.48 -5.53
N VAL C 207 46.27 25.26 -4.91
CA VAL C 207 46.65 23.94 -4.38
C VAL C 207 45.84 23.57 -3.15
N TRP C 208 45.34 22.34 -2.98
CA TRP C 208 44.70 22.02 -1.70
C TRP C 208 45.77 21.90 -0.62
N ASN C 209 45.63 22.82 0.37
CA ASN C 209 46.49 22.80 1.55
C ASN C 209 45.80 23.52 2.73
N ASP C 210 45.36 22.77 3.70
CA ASP C 210 44.65 23.16 4.90
C ASP C 210 45.47 22.80 6.14
N GLY C 211 46.79 22.72 5.96
CA GLY C 211 47.74 22.46 7.00
C GLY C 211 47.73 21.02 7.49
N PRO C 212 48.50 20.75 8.51
CA PRO C 212 48.59 19.40 9.10
C PRO C 212 47.22 18.86 9.51
N ASP C 213 46.37 19.68 10.06
CA ASP C 213 45.04 19.52 10.57
C ASP C 213 44.00 19.21 9.50
N GLY C 214 44.01 20.03 8.45
CA GLY C 214 43.03 19.91 7.41
C GLY C 214 43.53 19.01 6.29
N GLY C 215 44.83 18.78 6.20
CA GLY C 215 45.37 17.97 5.12
C GLY C 215 45.67 18.77 3.87
N ALA C 216 46.35 18.11 2.93
CA ALA C 216 46.75 18.66 1.65
C ALA C 216 47.09 17.59 0.62
N THR C 217 47.17 18.03 -0.63
CA THR C 217 47.36 17.11 -1.73
C THR C 217 48.73 16.45 -1.72
N GLY C 218 48.81 15.16 -1.96
CA GLY C 218 50.12 14.56 -2.14
C GLY C 218 50.69 15.06 -3.47
N GLY C 219 52.01 14.89 -3.57
CA GLY C 219 52.62 15.26 -4.87
C GLY C 219 54.12 15.39 -4.58
N GLY C 220 54.94 15.22 -5.62
CA GLY C 220 56.37 15.21 -5.35
C GLY C 220 57.14 14.45 -6.40
N VAL C 221 58.22 13.82 -5.97
CA VAL C 221 59.12 13.10 -6.88
C VAL C 221 59.36 11.70 -6.37
N SER C 222 59.13 10.69 -7.21
CA SER C 222 59.33 9.33 -6.79
C SER C 222 60.79 8.94 -6.62
N ARG C 223 61.14 8.20 -5.58
CA ARG C 223 62.41 7.60 -5.36
C ARG C 223 62.58 6.28 -6.09
N ILE C 224 61.44 5.64 -6.40
CA ILE C 224 61.46 4.28 -6.92
C ILE C 224 61.42 4.24 -8.43
N PHE C 225 60.67 5.18 -8.98
CA PHE C 225 60.48 5.18 -10.42
C PHE C 225 61.18 6.36 -11.07
N PRO C 226 62.05 5.99 -11.99
CA PRO C 226 62.78 7.01 -12.74
C PRO C 226 61.82 7.93 -13.49
N LEU C 227 62.32 9.12 -13.80
CA LEU C 227 61.51 10.03 -14.64
C LEU C 227 61.22 9.35 -15.97
N PRO C 228 59.95 9.20 -16.32
CA PRO C 228 59.52 8.62 -17.60
C PRO C 228 59.82 9.52 -18.81
N ALA C 229 59.98 8.92 -19.99
CA ALA C 229 60.33 9.70 -21.18
C ALA C 229 59.33 10.80 -21.46
N TRP C 230 58.05 10.47 -21.28
CA TRP C 230 57.00 11.46 -21.50
C TRP C 230 56.97 12.54 -20.44
N GLN C 231 57.74 12.50 -19.35
CA GLN C 231 57.72 13.67 -18.47
C GLN C 231 58.92 14.60 -18.67
N GLU C 232 59.80 14.18 -19.59
CA GLU C 232 61.09 14.81 -19.86
C GLU C 232 60.92 16.28 -20.21
N HIS C 233 59.76 16.58 -20.80
CA HIS C 233 59.54 17.99 -21.16
C HIS C 233 58.61 18.61 -20.13
N ALA C 234 58.54 18.03 -18.93
CA ALA C 234 57.60 18.68 -18.00
C ALA C 234 58.27 19.54 -16.93
N ASN C 235 59.60 19.68 -16.84
CA ASN C 235 60.22 20.55 -15.86
C ASN C 235 60.13 20.02 -14.44
N VAL C 236 60.08 18.70 -14.36
CA VAL C 236 60.00 17.99 -13.10
C VAL C 236 61.29 18.19 -12.32
N PRO C 237 61.21 18.67 -11.10
CA PRO C 237 62.48 18.91 -10.40
C PRO C 237 63.00 17.59 -9.85
N PRO C 238 64.23 17.60 -9.36
CA PRO C 238 64.75 16.44 -8.64
C PRO C 238 64.06 16.38 -7.29
N SER C 239 64.16 15.26 -6.59
CA SER C 239 63.53 15.27 -5.28
C SER C 239 64.09 16.34 -4.37
N ALA C 240 63.30 16.80 -3.41
CA ALA C 240 63.83 17.77 -2.46
C ALA C 240 64.65 17.12 -1.35
N ASN C 241 64.60 15.80 -1.25
CA ASN C 241 65.38 15.10 -0.23
C ASN C 241 66.87 15.30 -0.47
N PRO C 242 67.72 15.35 0.52
CA PRO C 242 69.19 15.35 0.32
C PRO C 242 69.63 14.33 -0.70
N GLY C 243 70.35 14.75 -1.74
CA GLY C 243 70.76 13.77 -2.77
C GLY C 243 70.28 14.27 -4.13
N ALA C 244 69.06 14.79 -4.21
CA ALA C 244 68.41 15.34 -5.38
C ALA C 244 68.19 14.33 -6.50
N SER C 245 68.00 13.07 -6.13
CA SER C 245 67.68 12.10 -7.17
C SER C 245 66.47 12.48 -8.03
N SER C 246 66.58 12.15 -9.31
CA SER C 246 65.59 12.27 -10.32
C SER C 246 64.45 11.28 -10.07
N GLY C 247 63.29 11.47 -10.71
CA GLY C 247 62.24 10.47 -10.50
C GLY C 247 60.93 10.86 -11.12
N ARG C 248 59.99 9.91 -11.22
CA ARG C 248 58.67 10.23 -11.77
C ARG C 248 57.96 11.34 -11.03
N GLY C 249 57.40 12.32 -11.75
CA GLY C 249 56.83 13.32 -10.85
C GLY C 249 55.32 13.10 -10.69
N VAL C 250 54.83 13.37 -9.47
CA VAL C 250 53.46 13.28 -9.04
C VAL C 250 52.88 14.62 -8.61
N PRO C 251 51.65 14.96 -8.97
CA PRO C 251 50.75 14.12 -9.77
C PRO C 251 50.73 14.43 -11.27
N ASP C 252 49.71 13.93 -11.97
CA ASP C 252 49.56 14.17 -13.39
C ASP C 252 48.48 15.23 -13.66
N LEU C 253 47.34 15.05 -13.01
CA LEU C 253 46.19 15.93 -13.01
C LEU C 253 45.72 16.23 -11.59
N ALA C 254 44.89 17.25 -11.43
CA ALA C 254 44.43 17.60 -10.08
C ALA C 254 43.03 18.22 -10.22
N GLY C 255 42.21 18.05 -9.21
CA GLY C 255 40.85 18.59 -9.21
C GLY C 255 40.41 19.00 -7.82
N ASN C 256 39.28 19.71 -7.67
CA ASN C 256 38.79 20.12 -6.37
C ASN C 256 38.82 18.95 -5.38
N ALA C 257 39.46 19.15 -4.23
CA ALA C 257 39.67 18.14 -3.22
C ALA C 257 39.59 18.74 -1.83
N ASP C 258 39.57 20.07 -1.76
CA ASP C 258 39.52 20.65 -0.43
C ASP C 258 38.19 20.38 0.24
N PRO C 259 38.20 19.79 1.44
CA PRO C 259 36.92 19.56 2.13
C PRO C 259 36.18 20.85 2.47
N ALA C 260 36.90 21.98 2.49
CA ALA C 260 36.22 23.23 2.81
C ALA C 260 35.45 23.75 1.61
N THR C 261 35.79 23.16 0.47
CA THR C 261 35.12 23.48 -0.78
C THR C 261 34.61 22.14 -1.36
N GLY C 262 34.28 21.23 -0.44
CA GLY C 262 33.91 19.88 -0.74
C GLY C 262 32.71 19.48 -1.56
N TYR C 263 32.48 18.15 -1.54
CA TYR C 263 31.46 17.44 -2.27
C TYR C 263 30.32 17.08 -1.34
N GLU C 264 29.12 17.53 -1.71
CA GLU C 264 27.89 17.12 -1.04
C GLU C 264 27.60 15.69 -1.49
N VAL C 265 27.55 14.74 -0.61
CA VAL C 265 27.38 13.29 -0.72
C VAL C 265 26.51 12.79 0.42
N VAL C 266 26.08 11.54 0.34
CA VAL C 266 25.30 10.89 1.39
C VAL C 266 26.08 9.70 1.89
N ILE C 267 26.40 9.67 3.17
CA ILE C 267 27.19 8.56 3.69
C ILE C 267 26.50 7.85 4.82
N ASP C 268 26.23 6.57 4.67
CA ASP C 268 25.54 5.79 5.71
C ASP C 268 24.32 6.50 6.32
N GLY C 269 23.59 7.08 5.40
CA GLY C 269 22.35 7.79 5.45
C GLY C 269 22.40 9.26 5.78
N GLU C 270 23.56 9.91 5.86
CA GLU C 270 23.55 11.34 6.20
C GLU C 270 24.13 12.22 5.11
N ALA C 271 23.52 13.40 4.93
CA ALA C 271 24.12 14.30 3.95
C ALA C 271 25.34 14.91 4.66
N THR C 272 26.41 15.07 3.90
CA THR C 272 27.63 15.61 4.54
C THR C 272 28.55 16.10 3.43
N VAL C 273 29.68 16.67 3.85
CA VAL C 273 30.53 17.27 2.80
C VAL C 273 31.87 16.57 2.98
N ILE C 274 32.32 16.04 1.86
CA ILE C 274 33.56 15.29 1.91
C ILE C 274 34.54 15.82 0.89
N GLY C 275 35.83 15.77 1.26
CA GLY C 275 36.85 16.13 0.29
C GLY C 275 37.89 15.01 0.22
N GLY C 276 39.09 15.39 -0.19
CA GLY C 276 40.27 14.50 -0.27
C GLY C 276 40.55 14.14 -1.70
N THR C 277 41.75 13.66 -2.05
CA THR C 277 42.09 13.24 -3.41
C THR C 277 41.29 12.01 -3.74
N SER C 278 40.75 11.36 -2.72
CA SER C 278 39.86 10.23 -2.86
C SER C 278 38.70 10.61 -3.75
N ALA C 279 38.31 11.87 -3.87
CA ALA C 279 37.12 12.15 -4.71
C ALA C 279 37.49 12.43 -6.12
N VAL C 280 38.79 12.75 -6.27
CA VAL C 280 39.25 13.18 -7.59
C VAL C 280 39.44 12.00 -8.53
N ALA C 281 39.96 10.86 -8.09
CA ALA C 281 40.09 9.73 -9.00
C ALA C 281 38.69 9.37 -9.53
N PRO C 282 37.66 9.19 -8.72
CA PRO C 282 36.27 9.00 -9.23
C PRO C 282 35.80 10.11 -10.16
N LEU C 283 35.99 11.37 -9.78
CA LEU C 283 35.70 12.51 -10.65
C LEU C 283 36.27 12.41 -12.04
N PHE C 284 37.60 12.22 -12.16
CA PHE C 284 38.16 12.12 -13.50
C PHE C 284 37.81 10.79 -14.14
N ALA C 285 37.54 9.73 -13.36
CA ALA C 285 37.16 8.47 -13.95
C ALA C 285 35.92 8.64 -14.81
N ALA C 286 35.03 9.48 -14.34
CA ALA C 286 33.78 9.84 -15.00
C ALA C 286 34.03 10.61 -16.30
N LEU C 287 34.97 11.53 -16.24
CA LEU C 287 35.40 12.26 -17.44
C LEU C 287 35.86 11.27 -18.50
N VAL C 288 36.72 10.32 -18.08
CA VAL C 288 37.27 9.37 -19.05
C VAL C 288 36.17 8.50 -19.65
N ALA C 289 35.25 7.95 -18.86
CA ALA C 289 34.22 7.11 -19.46
C ALA C 289 33.41 7.82 -20.55
N ARG C 290 33.12 9.09 -20.30
CA ARG C 290 32.46 10.00 -21.20
C ARG C 290 33.25 10.13 -22.48
N ILE C 291 34.53 10.49 -22.35
CA ILE C 291 35.34 10.61 -23.55
C ILE C 291 35.32 9.30 -24.33
N ASN C 292 35.42 8.18 -23.63
CA ASN C 292 35.42 6.83 -24.20
C ASN C 292 34.10 6.52 -24.91
N GLN C 293 33.05 7.14 -24.39
CA GLN C 293 31.74 7.09 -24.99
C GLN C 293 31.79 7.73 -26.39
N LYS C 294 32.26 8.97 -26.47
CA LYS C 294 32.45 9.79 -27.65
C LYS C 294 33.13 9.05 -28.81
N LEU C 295 34.36 8.63 -28.53
CA LEU C 295 35.31 8.00 -29.41
C LEU C 295 34.99 6.56 -29.72
N GLY C 296 34.05 5.99 -28.98
CA GLY C 296 33.68 4.61 -29.21
C GLY C 296 34.80 3.59 -29.16
N LYS C 297 35.82 3.83 -28.37
CA LYS C 297 36.94 2.94 -28.08
C LYS C 297 37.69 3.47 -26.86
N ALA C 298 37.96 2.67 -25.85
CA ALA C 298 38.60 3.20 -24.63
C ALA C 298 39.91 3.91 -24.81
N VAL C 299 40.12 5.04 -24.13
CA VAL C 299 41.42 5.73 -24.23
C VAL C 299 42.57 4.94 -23.63
N GLY C 300 42.26 4.11 -22.63
CA GLY C 300 43.35 3.33 -22.06
C GLY C 300 44.37 4.22 -21.37
N TYR C 301 45.65 3.94 -21.62
CA TYR C 301 46.72 4.71 -20.93
C TYR C 301 46.90 6.09 -21.51
N LEU C 302 46.65 7.12 -20.69
CA LEU C 302 46.63 8.51 -21.14
C LEU C 302 47.88 9.31 -20.90
N ASN C 303 48.66 8.99 -19.88
CA ASN C 303 49.76 9.86 -19.43
C ASN C 303 50.65 10.40 -20.56
N PRO C 304 51.20 9.58 -21.41
CA PRO C 304 52.12 10.08 -22.44
C PRO C 304 51.49 11.17 -23.30
N THR C 305 50.29 10.90 -23.77
CA THR C 305 49.49 11.84 -24.54
C THR C 305 49.24 13.16 -23.83
N LEU C 306 48.76 13.02 -22.60
CA LEU C 306 48.50 14.11 -21.70
C LEU C 306 49.68 15.08 -21.67
N TYR C 307 50.90 14.49 -21.65
CA TYR C 307 52.02 15.43 -21.49
C TYR C 307 52.44 16.01 -22.83
N GLN C 308 51.87 15.54 -23.93
CA GLN C 308 52.26 16.08 -25.24
C GLN C 308 51.14 16.98 -25.73
N LEU C 309 49.99 16.92 -25.06
CA LEU C 309 48.87 17.80 -25.45
C LEU C 309 49.22 19.25 -25.14
N PRO C 310 48.52 20.17 -25.80
CA PRO C 310 48.80 21.60 -25.64
C PRO C 310 48.28 22.12 -24.31
N ALA C 311 49.15 22.94 -23.75
CA ALA C 311 49.05 23.56 -22.45
C ALA C 311 47.71 24.22 -22.17
N ASP C 312 46.97 24.58 -23.22
CA ASP C 312 45.71 25.29 -22.92
C ASP C 312 44.59 24.28 -22.69
N VAL C 313 44.90 23.01 -22.98
CA VAL C 313 43.93 21.94 -22.76
C VAL C 313 43.69 21.79 -21.25
N PHE C 314 44.57 22.33 -20.42
CA PHE C 314 44.34 22.25 -18.98
C PHE C 314 44.27 23.59 -18.29
N HIS C 315 43.45 23.67 -17.25
CA HIS C 315 43.46 24.88 -16.42
C HIS C 315 44.71 24.78 -15.55
N ASP C 316 45.65 25.70 -15.61
CA ASP C 316 46.92 25.58 -14.88
C ASP C 316 46.94 26.15 -13.47
N ILE C 317 47.15 25.29 -12.46
CA ILE C 317 47.17 25.87 -11.13
C ILE C 317 48.57 26.39 -10.88
N THR C 318 48.65 27.61 -10.37
CA THR C 318 49.99 28.20 -10.21
C THR C 318 50.24 28.64 -8.79
N GLU C 319 49.23 28.58 -7.89
CA GLU C 319 49.54 29.06 -6.55
C GLU C 319 49.19 28.04 -5.47
N GLY C 320 49.97 28.13 -4.41
CA GLY C 320 50.05 27.40 -3.20
C GLY C 320 51.16 26.35 -3.20
N ASN C 321 51.22 25.63 -2.08
CA ASN C 321 52.19 24.58 -1.91
C ASN C 321 51.52 23.40 -1.19
N ASN C 322 52.15 22.24 -1.26
CA ASN C 322 51.52 21.08 -0.58
C ASN C 322 52.36 20.69 0.62
N ASP C 323 53.04 21.64 1.23
CA ASP C 323 53.79 21.41 2.44
C ASP C 323 52.93 21.64 3.69
N ILE C 324 52.85 20.71 4.61
CA ILE C 324 52.14 20.69 5.86
C ILE C 324 53.06 20.12 6.94
N ALA C 325 54.37 19.96 6.67
CA ALA C 325 55.22 19.53 7.77
C ALA C 325 56.19 20.62 8.22
N ASN C 326 56.50 21.58 7.33
CA ASN C 326 57.43 22.60 7.86
C ASN C 326 57.18 23.93 7.15
N ARG C 327 58.12 24.88 7.23
CA ARG C 327 57.81 26.13 6.49
C ARG C 327 58.59 26.27 5.18
N ALA C 328 59.12 25.19 4.59
CA ALA C 328 59.86 25.26 3.33
C ALA C 328 59.03 25.49 2.07
N GLN C 329 57.71 25.29 2.19
CA GLN C 329 56.83 25.41 1.04
C GLN C 329 57.25 24.45 -0.07
N ILE C 330 57.61 23.23 0.36
CA ILE C 330 57.97 22.14 -0.56
C ILE C 330 56.85 21.09 -0.68
N TYR C 331 56.24 20.92 -1.84
CA TYR C 331 56.50 21.54 -3.14
C TYR C 331 55.58 22.69 -3.49
N GLN C 332 56.04 23.53 -4.42
CA GLN C 332 55.29 24.71 -4.82
C GLN C 332 54.67 24.60 -6.19
N ALA C 333 53.50 25.16 -6.39
CA ALA C 333 52.79 25.24 -7.66
C ALA C 333 53.40 26.28 -8.60
N GLY C 334 53.25 26.13 -9.90
CA GLY C 334 53.85 27.18 -10.73
C GLY C 334 53.29 27.07 -12.13
N PRO C 335 53.88 27.72 -13.12
CA PRO C 335 53.38 27.61 -14.49
C PRO C 335 53.71 26.24 -15.05
N GLY C 336 52.80 25.66 -15.83
CA GLY C 336 52.93 24.31 -16.36
C GLY C 336 52.93 23.30 -15.21
N TRP C 337 53.49 22.14 -15.51
CA TRP C 337 53.50 21.03 -14.55
C TRP C 337 54.19 21.44 -13.27
N ASP C 338 53.61 21.09 -12.13
CA ASP C 338 54.28 21.23 -10.84
C ASP C 338 54.02 19.98 -9.98
N PRO C 339 54.78 19.79 -8.91
CA PRO C 339 54.56 18.59 -8.07
C PRO C 339 53.47 18.78 -7.02
N CYS C 340 52.50 19.65 -7.29
CA CYS C 340 51.33 19.80 -6.44
C CYS C 340 50.07 19.42 -7.24
N THR C 341 50.02 19.88 -8.48
CA THR C 341 48.81 19.75 -9.29
C THR C 341 49.06 19.21 -10.68
N GLY C 342 50.31 18.84 -10.94
CA GLY C 342 50.63 18.37 -12.27
C GLY C 342 50.35 19.40 -13.36
N LEU C 343 49.82 18.91 -14.48
CA LEU C 343 49.37 19.73 -15.57
C LEU C 343 48.23 20.65 -15.19
N GLY C 344 47.54 20.36 -14.09
CA GLY C 344 46.41 21.16 -13.61
C GLY C 344 45.08 20.42 -13.76
N SER C 345 43.98 21.16 -13.87
CA SER C 345 42.65 20.54 -13.98
C SER C 345 42.34 20.45 -15.46
N PRO C 346 41.86 19.32 -15.94
CA PRO C 346 41.58 19.21 -17.36
C PRO C 346 40.35 20.05 -17.75
N ILE C 347 40.42 20.55 -18.98
CA ILE C 347 39.26 21.25 -19.56
C ILE C 347 38.58 20.21 -20.46
N GLY C 348 37.51 19.59 -20.01
CA GLY C 348 36.80 18.54 -20.67
C GLY C 348 36.78 18.55 -22.18
N VAL C 349 36.08 19.55 -22.71
CA VAL C 349 35.86 19.67 -24.15
C VAL C 349 37.20 19.80 -24.87
N ARG C 350 38.11 20.61 -24.33
CA ARG C 350 39.44 20.80 -24.94
C ARG C 350 40.18 19.47 -24.97
N LEU C 351 40.03 18.73 -23.87
CA LEU C 351 40.68 17.42 -23.84
C LEU C 351 40.02 16.43 -24.78
N LEU C 352 38.68 16.48 -24.80
CA LEU C 352 37.94 15.62 -25.74
C LEU C 352 38.27 16.01 -27.19
N GLN C 353 38.67 17.27 -27.39
CA GLN C 353 38.97 17.70 -28.75
C GLN C 353 40.33 17.20 -29.23
N ALA C 354 41.30 17.24 -28.33
CA ALA C 354 42.66 16.81 -28.66
C ALA C 354 42.69 15.32 -28.99
N LEU C 355 41.69 14.59 -28.54
CA LEU C 355 41.62 13.15 -28.68
C LEU C 355 40.84 12.63 -29.88
N LEU C 356 40.14 13.46 -30.63
N ILE D 2 -9.24 5.49 -9.57
CA ILE D 2 -10.22 4.65 -8.92
C ILE D 2 -10.01 4.73 -7.41
N PRO D 3 -11.02 4.90 -6.59
CA PRO D 3 -10.80 4.88 -5.12
C PRO D 3 -10.77 3.47 -4.53
N ILE E 2 -51.16 -19.46 10.28
CA ILE E 2 -50.95 -18.80 11.55
C ILE E 2 -50.23 -17.49 11.32
N PRO E 3 -50.64 -16.33 11.79
CA PRO E 3 -49.87 -15.12 11.48
C PRO E 3 -48.71 -15.04 12.46
N ILE F 2 45.49 2.85 3.10
CA ILE F 2 44.83 3.99 3.72
C ILE F 2 43.81 4.60 2.81
N PRO F 3 42.56 4.82 3.15
CA PRO F 3 41.73 5.46 2.11
C PRO F 3 41.90 6.97 2.08
#